data_1LOJ
#
_entry.id   1LOJ
#
_cell.length_a   65.254
_cell.length_b   109.956
_cell.length_c   83.756
_cell.angle_alpha   90.00
_cell.angle_beta   95.81
_cell.angle_gamma   90.00
#
_symmetry.space_group_name_H-M   'P 1 21 1'
#
loop_
_entity.id
_entity.type
_entity.pdbx_description
1 polymer 'small nuclear ribonucleoprotein homolog (Sm-like)'
2 non-polymer "URIDINE-5'-MONOPHOSPHATE"
3 non-polymer (4S)-2-METHYL-2,4-PENTANEDIOL
4 non-polymer URIDINE
5 non-polymer "URIDINE-5'-MONOPHOSPHATE"
6 water water
#
_entity_poly.entity_id   1
_entity_poly.type   'polypeptide(L)'
_entity_poly.pdbx_seq_one_letter_code
;MIDVSSQRVNVQRPLDALGNSLNSPVIIKLKGDREFRGVLKSFDLHMNLVLNDAEELEDGEVTRRLGTVLIRGDNIVYIS
RGKLAAA
;
_entity_poly.pdbx_strand_id   A,B,C,D,E,F,G,H,I,J,K,L,M,N
#
loop_
_chem_comp.id
_chem_comp.type
_chem_comp.name
_chem_comp.formula
MPD non-polymer (4S)-2-METHYL-2,4-PENTANEDIOL 'C6 H14 O2'
U RNA linking URIDINE-5'-MONOPHOSPHATE 'C9 H13 N2 O9 P'
U5P non-polymer URIDINE-5'-MONOPHOSPHATE 'C9 H13 N2 O9 P'
URI non-polymer URIDINE 'C9 H12 N2 O6'
#
# COMPACT_ATOMS: atom_id res chain seq x y z
N VAL A 9 -6.52 21.76 19.74
CA VAL A 9 -6.50 21.01 21.02
C VAL A 9 -7.49 19.84 21.00
N ASN A 10 -8.69 20.09 20.47
CA ASN A 10 -9.77 19.11 20.43
C ASN A 10 -9.45 17.61 20.21
N VAL A 11 -9.14 16.94 21.31
CA VAL A 11 -8.88 15.51 21.36
C VAL A 11 -7.82 14.81 20.51
N GLN A 12 -6.92 14.12 21.20
CA GLN A 12 -5.87 13.35 20.54
C GLN A 12 -6.46 12.11 19.85
N ARG A 13 -5.88 11.69 18.73
CA ARG A 13 -6.30 10.49 18.01
C ARG A 13 -5.91 9.32 18.92
N PRO A 14 -6.56 8.16 18.77
CA PRO A 14 -6.22 7.01 19.65
C PRO A 14 -4.75 6.64 19.84
N LEU A 15 -3.97 6.55 18.77
CA LEU A 15 -2.58 6.16 18.96
C LEU A 15 -1.74 7.27 19.63
N ASP A 16 -2.20 8.51 19.53
CA ASP A 16 -1.50 9.58 20.20
C ASP A 16 -1.90 9.56 21.66
N ALA A 17 -3.17 9.33 21.93
CA ALA A 17 -3.62 9.24 23.32
C ALA A 17 -2.88 8.13 24.08
N LEU A 18 -2.60 7.02 23.39
CA LEU A 18 -1.90 5.87 23.98
C LEU A 18 -0.58 6.34 24.63
N GLY A 19 0.07 7.32 24.02
CA GLY A 19 1.30 7.86 24.57
C GLY A 19 1.14 8.38 26.00
N ASN A 20 -0.08 8.75 26.38
CA ASN A 20 -0.34 9.24 27.73
C ASN A 20 -0.07 8.12 28.78
N SER A 21 -0.05 6.85 28.34
CA SER A 21 0.20 5.73 29.24
C SER A 21 1.64 5.25 29.31
N LEU A 22 2.55 5.85 28.56
CA LEU A 22 3.94 5.42 28.63
C LEU A 22 4.43 5.45 30.09
N ASN A 23 5.11 4.38 30.49
CA ASN A 23 5.65 4.21 31.83
C ASN A 23 4.60 4.02 32.92
N SER A 24 3.37 3.66 32.53
CA SER A 24 2.30 3.42 33.50
C SER A 24 1.81 1.99 33.36
N PRO A 25 1.23 1.45 34.42
CA PRO A 25 0.72 0.07 34.33
C PRO A 25 -0.48 0.04 33.37
N VAL A 26 -0.59 -1.03 32.58
CA VAL A 26 -1.72 -1.15 31.64
C VAL A 26 -2.22 -2.58 31.69
N ILE A 27 -3.42 -2.80 31.14
CA ILE A 27 -4.05 -4.10 31.07
C ILE A 27 -4.28 -4.29 29.58
N ILE A 28 -3.87 -5.45 29.05
CA ILE A 28 -3.99 -5.73 27.59
C ILE A 28 -4.84 -6.99 27.43
N LYS A 29 -5.93 -6.93 26.69
CA LYS A 29 -6.73 -8.13 26.45
C LYS A 29 -6.42 -8.55 25.01
N LEU A 30 -6.13 -9.84 24.80
CA LEU A 30 -5.80 -10.35 23.49
C LEU A 30 -6.90 -11.22 22.89
N LYS A 31 -6.83 -11.43 21.58
CA LYS A 31 -7.82 -12.27 20.92
C LYS A 31 -7.64 -13.67 21.53
N GLY A 32 -8.70 -14.42 21.66
CA GLY A 32 -8.48 -15.73 22.22
C GLY A 32 -8.62 -15.70 23.72
N ASP A 33 -9.02 -14.56 24.27
CA ASP A 33 -9.24 -14.45 25.71
C ASP A 33 -8.04 -14.24 26.67
N ARG A 34 -6.81 -14.22 26.17
CA ARG A 34 -5.68 -14.04 27.05
C ARG A 34 -5.59 -12.59 27.58
N GLU A 35 -5.10 -12.44 28.81
CA GLU A 35 -4.96 -11.14 29.44
C GLU A 35 -3.56 -10.97 30.02
N PHE A 36 -2.98 -9.78 29.81
CA PHE A 36 -1.65 -9.45 30.33
C PHE A 36 -1.69 -8.08 31.01
N ARG A 37 -0.76 -7.87 31.95
CA ARG A 37 -0.60 -6.62 32.69
C ARG A 37 0.89 -6.31 32.77
N GLY A 38 1.25 -5.04 32.73
CA GLY A 38 2.65 -4.70 32.82
C GLY A 38 2.82 -3.22 32.62
N VAL A 39 4.05 -2.74 32.62
CA VAL A 39 4.25 -1.33 32.39
C VAL A 39 4.53 -1.10 30.89
N LEU A 40 3.77 -0.18 30.28
CA LEU A 40 3.97 0.14 28.88
C LEU A 40 5.24 0.97 28.71
N LYS A 41 6.18 0.45 27.93
CA LYS A 41 7.47 1.11 27.65
C LYS A 41 7.53 1.77 26.27
N SER A 42 6.79 1.22 25.30
CA SER A 42 6.77 1.80 23.95
C SER A 42 5.73 1.11 23.06
N PHE A 43 5.42 1.75 21.94
CA PHE A 43 4.46 1.18 21.00
C PHE A 43 4.75 1.76 19.63
N ASP A 44 4.11 1.22 18.61
CA ASP A 44 4.28 1.78 17.29
C ASP A 44 2.90 1.92 16.67
N LEU A 45 2.87 2.40 15.44
CA LEU A 45 1.57 2.61 14.78
C LEU A 45 0.83 1.28 14.44
N HIS A 46 1.49 0.14 14.58
CA HIS A 46 0.82 -1.14 14.32
C HIS A 46 0.23 -1.65 15.64
N MET A 47 0.45 -0.87 16.68
CA MET A 47 0.03 -1.19 18.05
C MET A 47 0.85 -2.33 18.66
N ASN A 48 2.00 -2.60 18.07
CA ASN A 48 2.93 -3.58 18.65
C ASN A 48 3.30 -2.84 19.99
N LEU A 49 3.63 -3.57 21.03
CA LEU A 49 3.93 -2.92 22.29
C LEU A 49 5.05 -3.62 22.97
N VAL A 50 5.77 -2.88 23.81
CA VAL A 50 6.78 -3.51 24.65
C VAL A 50 6.30 -3.20 26.10
N LEU A 51 6.23 -4.24 26.94
CA LEU A 51 5.86 -4.08 28.33
C LEU A 51 6.97 -4.61 29.24
N ASN A 52 7.15 -3.97 30.40
CA ASN A 52 8.12 -4.43 31.39
C ASN A 52 7.34 -5.10 32.54
N ASP A 53 7.99 -6.02 33.24
CA ASP A 53 7.37 -6.70 34.39
C ASP A 53 5.99 -7.22 34.06
N ALA A 54 5.87 -7.81 32.90
CA ALA A 54 4.58 -8.29 32.46
C ALA A 54 4.20 -9.65 33.04
N GLU A 55 2.91 -9.85 33.18
CA GLU A 55 2.39 -11.11 33.71
C GLU A 55 1.17 -11.49 32.89
N GLU A 56 0.92 -12.79 32.76
CA GLU A 56 -0.28 -13.22 32.06
C GLU A 56 -1.24 -13.68 33.13
N LEU A 57 -2.48 -13.23 33.05
CA LEU A 57 -3.46 -13.66 34.04
C LEU A 57 -4.48 -14.64 33.48
N GLU A 58 -4.93 -15.54 34.33
CA GLU A 58 -5.92 -16.52 33.91
C GLU A 58 -6.82 -16.78 35.09
N ASP A 59 -8.10 -16.48 34.87
CA ASP A 59 -9.12 -16.64 35.89
C ASP A 59 -8.65 -16.03 37.21
N GLY A 60 -8.05 -14.83 37.10
CA GLY A 60 -7.57 -14.12 38.28
C GLY A 60 -6.24 -14.61 38.82
N GLU A 61 -5.68 -15.60 38.17
CA GLU A 61 -4.40 -16.18 38.60
C GLU A 61 -3.28 -15.69 37.68
N VAL A 62 -2.13 -15.33 38.24
CA VAL A 62 -1.01 -14.96 37.39
C VAL A 62 -0.53 -16.33 36.97
N THR A 63 -0.61 -16.67 35.68
CA THR A 63 -0.17 -18.00 35.29
C THR A 63 1.23 -18.01 34.73
N ARG A 64 1.74 -16.82 34.43
CA ARG A 64 3.11 -16.70 33.91
C ARG A 64 3.71 -15.31 34.09
N ARG A 65 5.01 -15.27 34.39
CA ARG A 65 5.76 -14.02 34.53
C ARG A 65 6.59 -13.96 33.27
N LEU A 66 6.32 -12.96 32.45
CA LEU A 66 6.93 -12.78 31.15
C LEU A 66 8.09 -11.80 31.08
N GLY A 67 8.42 -11.16 32.20
CA GLY A 67 9.51 -10.17 32.20
C GLY A 67 9.21 -9.09 31.16
N THR A 68 10.22 -8.74 30.35
CA THR A 68 10.03 -7.72 29.32
C THR A 68 9.54 -8.49 28.11
N VAL A 69 8.48 -7.98 27.48
CA VAL A 69 7.90 -8.71 26.36
C VAL A 69 7.40 -7.76 25.29
N LEU A 70 7.45 -8.24 24.05
CA LEU A 70 6.95 -7.50 22.90
C LEU A 70 5.69 -8.27 22.47
N ILE A 71 4.57 -7.56 22.43
CA ILE A 71 3.28 -8.11 22.02
C ILE A 71 2.98 -7.57 20.61
N ARG A 72 2.71 -8.48 19.67
CA ARG A 72 2.40 -8.08 18.30
C ARG A 72 1.00 -7.49 18.27
N GLY A 73 0.90 -6.26 17.78
CA GLY A 73 -0.36 -5.51 17.76
C GLY A 73 -1.63 -6.16 17.22
N ASP A 74 -1.51 -7.01 16.20
CA ASP A 74 -2.72 -7.60 15.61
C ASP A 74 -3.45 -8.61 16.48
N ASN A 75 -2.84 -8.94 17.61
CA ASN A 75 -3.49 -9.86 18.56
C ASN A 75 -4.35 -9.10 19.59
N ILE A 76 -4.25 -7.78 19.63
CA ILE A 76 -4.95 -6.98 20.63
C ILE A 76 -6.44 -6.68 20.44
N VAL A 77 -7.21 -6.79 21.52
CA VAL A 77 -8.60 -6.45 21.50
C VAL A 77 -8.65 -5.02 22.12
N TYR A 78 -8.15 -4.85 23.34
CA TYR A 78 -8.18 -3.53 23.95
C TYR A 78 -7.03 -3.27 24.92
N ILE A 79 -6.79 -2.01 25.22
CA ILE A 79 -5.76 -1.62 26.18
C ILE A 79 -6.43 -0.66 27.19
N SER A 80 -6.29 -0.95 28.49
CA SER A 80 -6.86 -0.08 29.51
C SER A 80 -5.82 0.16 30.63
N ARG A 81 -6.13 1.09 31.52
CA ARG A 81 -5.19 1.41 32.60
C ARG A 81 -5.27 0.42 33.75
N GLY A 82 -4.11 0.02 34.28
CA GLY A 82 -4.06 -0.95 35.37
C GLY A 82 -4.02 -0.30 36.74
N LYS A 83 -3.98 -1.12 37.80
CA LYS A 83 -3.96 -0.61 39.17
C LYS A 83 -2.70 0.22 39.38
N LEU A 84 -2.93 1.49 39.71
CA LEU A 84 -1.90 2.53 39.95
C LEU A 84 -2.32 3.72 39.07
N VAL B 11 -25.24 13.72 2.92
CA VAL B 11 -25.05 12.55 3.82
C VAL B 11 -23.57 12.17 3.93
N GLN B 12 -23.08 12.12 5.17
CA GLN B 12 -21.67 11.82 5.46
C GLN B 12 -21.28 10.37 5.30
N ARG B 13 -20.06 10.13 4.83
CA ARG B 13 -19.50 8.78 4.69
C ARG B 13 -19.48 8.27 6.11
N PRO B 14 -19.53 6.95 6.29
CA PRO B 14 -19.53 6.31 7.61
C PRO B 14 -18.53 6.85 8.67
N LEU B 15 -17.23 6.92 8.34
CA LEU B 15 -16.26 7.39 9.34
C LEU B 15 -16.39 8.88 9.67
N ASP B 16 -17.01 9.64 8.79
CA ASP B 16 -17.24 11.05 9.07
C ASP B 16 -18.50 11.19 9.93
N ALA B 17 -19.52 10.38 9.66
CA ALA B 17 -20.73 10.47 10.47
C ALA B 17 -20.45 10.09 11.93
N LEU B 18 -19.50 9.17 12.13
CA LEU B 18 -19.11 8.68 13.46
C LEU B 18 -18.64 9.86 14.29
N GLY B 19 -18.12 10.87 13.61
CA GLY B 19 -17.70 12.07 14.31
C GLY B 19 -18.88 12.66 15.08
N ASN B 20 -20.10 12.36 14.62
CA ASN B 20 -21.32 12.86 15.26
C ASN B 20 -21.51 12.32 16.67
N SER B 21 -20.94 11.13 16.93
CA SER B 21 -21.06 10.50 18.23
C SER B 21 -19.98 10.83 19.24
N LEU B 22 -19.02 11.68 18.89
CA LEU B 22 -17.97 12.04 19.84
C LEU B 22 -18.66 12.67 21.04
N ASN B 23 -18.29 12.21 22.23
CA ASN B 23 -18.84 12.72 23.48
C ASN B 23 -20.27 12.28 23.73
N SER B 24 -20.64 11.17 23.11
CA SER B 24 -21.96 10.58 23.26
C SER B 24 -21.82 9.11 23.68
N PRO B 25 -22.85 8.55 24.31
CA PRO B 25 -22.74 7.15 24.72
C PRO B 25 -22.88 6.20 23.53
N VAL B 26 -22.03 5.19 23.48
CA VAL B 26 -22.09 4.22 22.39
C VAL B 26 -22.02 2.77 22.88
N ILE B 27 -22.42 1.85 22.01
CA ILE B 27 -22.33 0.44 22.31
C ILE B 27 -21.42 -0.14 21.20
N ILE B 28 -20.38 -0.86 21.59
CA ILE B 28 -19.45 -1.46 20.62
C ILE B 28 -19.60 -2.98 20.74
N LYS B 29 -20.02 -3.62 19.67
CA LYS B 29 -20.17 -5.06 19.69
C LYS B 29 -18.90 -5.58 18.98
N LEU B 30 -18.20 -6.52 19.60
CA LEU B 30 -16.98 -7.08 19.01
C LEU B 30 -17.19 -8.49 18.48
N LYS B 31 -16.21 -8.95 17.72
CA LYS B 31 -16.21 -10.29 17.15
C LYS B 31 -16.02 -11.18 18.40
N GLY B 32 -16.94 -12.12 18.62
CA GLY B 32 -16.81 -12.96 19.79
C GLY B 32 -17.90 -12.68 20.84
N ASP B 33 -18.77 -11.72 20.51
CA ASP B 33 -19.87 -11.36 21.39
C ASP B 33 -19.55 -10.46 22.57
N ARG B 34 -18.28 -10.16 22.77
CA ARG B 34 -17.95 -9.24 23.84
C ARG B 34 -18.64 -7.93 23.42
N GLU B 35 -18.93 -7.08 24.39
CA GLU B 35 -19.61 -5.83 24.12
C GLU B 35 -19.02 -4.81 25.08
N PHE B 36 -18.94 -3.57 24.63
CA PHE B 36 -18.46 -2.47 25.45
C PHE B 36 -19.50 -1.37 25.39
N ARG B 37 -19.62 -0.62 26.48
CA ARG B 37 -20.56 0.48 26.54
C ARG B 37 -19.74 1.60 27.17
N GLY B 38 -19.80 2.80 26.60
CA GLY B 38 -19.06 3.90 27.18
C GLY B 38 -19.26 5.13 26.36
N VAL B 39 -18.55 6.19 26.69
CA VAL B 39 -18.63 7.44 25.96
C VAL B 39 -17.48 7.50 24.92
N LEU B 40 -17.83 7.79 23.66
CA LEU B 40 -16.84 7.88 22.59
C LEU B 40 -16.01 9.17 22.70
N LYS B 41 -14.69 9.05 22.82
CA LYS B 41 -13.84 10.27 22.92
C LYS B 41 -13.10 10.58 21.63
N SER B 42 -12.62 9.53 20.94
CA SER B 42 -11.93 9.70 19.66
C SER B 42 -11.86 8.37 18.92
N PHE B 43 -11.43 8.46 17.67
CA PHE B 43 -11.28 7.30 16.79
C PHE B 43 -10.37 7.71 15.65
N ASP B 44 -9.97 6.74 14.83
CA ASP B 44 -9.12 7.00 13.70
C ASP B 44 -9.65 6.20 12.51
N LEU B 45 -9.02 6.33 11.34
CA LEU B 45 -9.48 5.62 10.13
C LEU B 45 -9.44 4.10 10.12
N HIS B 46 -8.83 3.48 11.13
CA HIS B 46 -8.80 2.01 11.22
C HIS B 46 -9.96 1.60 12.10
N MET B 47 -10.68 2.61 12.55
CA MET B 47 -11.77 2.44 13.47
C MET B 47 -11.30 2.12 14.91
N ASN B 48 -10.03 2.39 15.21
CA ASN B 48 -9.55 2.23 16.60
C ASN B 48 -10.34 3.32 17.33
N LEU B 49 -10.66 3.04 18.59
CA LEU B 49 -11.50 3.89 19.42
C LEU B 49 -11.03 4.10 20.83
N VAL B 50 -11.33 5.28 21.35
CA VAL B 50 -11.07 5.52 22.77
C VAL B 50 -12.44 5.80 23.40
N LEU B 51 -12.78 5.08 24.47
CA LEU B 51 -14.02 5.30 25.21
C LEU B 51 -13.67 5.69 26.67
N ASN B 52 -14.51 6.53 27.27
CA ASN B 52 -14.34 6.91 28.69
C ASN B 52 -15.46 6.20 29.49
N ASP B 53 -15.22 6.00 30.79
CA ASP B 53 -16.23 5.38 31.66
C ASP B 53 -16.77 4.10 30.99
N ALA B 54 -15.86 3.30 30.48
CA ALA B 54 -16.27 2.10 29.78
C ALA B 54 -16.50 0.85 30.63
N GLU B 55 -17.43 0.02 30.19
CA GLU B 55 -17.66 -1.23 30.89
C GLU B 55 -17.72 -2.38 29.89
N GLU B 56 -17.19 -3.53 30.29
CA GLU B 56 -17.16 -4.68 29.42
C GLU B 56 -18.33 -5.59 29.79
N LEU B 57 -18.93 -6.25 28.80
CA LEU B 57 -20.07 -7.13 29.02
C LEU B 57 -19.98 -8.46 28.30
N GLU B 58 -20.43 -9.49 29.00
CA GLU B 58 -20.53 -10.87 28.51
C GLU B 58 -22.02 -11.14 28.71
N ASP B 59 -22.76 -11.13 27.62
CA ASP B 59 -24.21 -11.32 27.63
C ASP B 59 -24.87 -10.57 28.77
N GLY B 60 -25.24 -9.32 28.50
CA GLY B 60 -25.91 -8.47 29.47
C GLY B 60 -25.23 -8.28 30.82
N GLU B 61 -24.28 -9.14 31.16
CA GLU B 61 -23.60 -9.04 32.45
C GLU B 61 -22.30 -8.20 32.46
N VAL B 62 -22.32 -7.11 33.21
CA VAL B 62 -21.14 -6.25 33.30
C VAL B 62 -20.01 -7.06 33.91
N THR B 63 -19.08 -7.50 33.08
CA THR B 63 -17.97 -8.31 33.55
C THR B 63 -16.79 -7.49 34.03
N ARG B 64 -16.80 -6.19 33.78
CA ARG B 64 -15.68 -5.37 34.20
C ARG B 64 -15.86 -3.88 33.91
N ARG B 65 -15.35 -3.04 34.80
CA ARG B 65 -15.42 -1.58 34.67
C ARG B 65 -13.99 -1.16 34.32
N LEU B 66 -13.79 -0.74 33.07
CA LEU B 66 -12.44 -0.40 32.60
C LEU B 66 -11.95 1.04 32.79
N GLY B 67 -12.87 2.00 32.76
CA GLY B 67 -12.47 3.38 32.84
C GLY B 67 -12.15 3.73 31.39
N THR B 68 -11.07 4.47 31.12
CA THR B 68 -10.72 4.79 29.74
C THR B 68 -10.09 3.57 29.06
N VAL B 69 -10.53 3.29 27.86
CA VAL B 69 -10.02 2.11 27.17
C VAL B 69 -9.82 2.41 25.67
N LEU B 70 -8.80 1.79 25.10
CA LEU B 70 -8.46 1.88 23.68
C LEU B 70 -8.85 0.53 23.06
N ILE B 71 -9.76 0.56 22.08
CA ILE B 71 -10.21 -0.66 21.39
C ILE B 71 -9.63 -0.67 19.94
N ARG B 72 -9.01 -1.80 19.58
CA ARG B 72 -8.40 -1.95 18.26
C ARG B 72 -9.53 -2.17 17.27
N GLY B 73 -9.54 -1.38 16.20
CA GLY B 73 -10.64 -1.43 15.26
C GLY B 73 -10.98 -2.72 14.54
N ASP B 74 -9.98 -3.55 14.26
CA ASP B 74 -10.21 -4.81 13.53
C ASP B 74 -11.09 -5.76 14.28
N ASN B 75 -11.31 -5.49 15.57
CA ASN B 75 -12.20 -6.38 16.34
C ASN B 75 -13.67 -6.03 16.29
N ILE B 76 -14.00 -4.87 15.75
CA ILE B 76 -15.36 -4.40 15.76
C ILE B 76 -16.35 -5.02 14.76
N VAL B 77 -17.55 -5.30 15.22
CA VAL B 77 -18.61 -5.75 14.33
C VAL B 77 -19.50 -4.53 14.09
N TYR B 78 -20.00 -3.88 15.15
CA TYR B 78 -20.80 -2.68 14.92
C TYR B 78 -20.70 -1.69 16.04
N ILE B 79 -21.12 -0.48 15.75
CA ILE B 79 -21.13 0.60 16.74
C ILE B 79 -22.54 1.21 16.69
N SER B 80 -23.22 1.28 17.84
CA SER B 80 -24.56 1.88 17.87
C SER B 80 -24.67 2.88 19.01
N ARG B 81 -25.79 3.58 19.08
CA ARG B 81 -26.02 4.57 20.14
C ARG B 81 -26.46 3.89 21.43
N GLY B 82 -25.86 4.29 22.55
CA GLY B 82 -26.23 3.69 23.82
C GLY B 82 -26.92 4.76 24.68
N LYS B 83 -26.93 4.57 25.99
CA LYS B 83 -27.55 5.57 26.87
C LYS B 83 -26.58 5.79 28.01
N LEU B 84 -26.48 7.03 28.47
CA LEU B 84 -25.52 7.33 29.52
C LEU B 84 -25.86 6.81 30.89
N ALA B 85 -24.82 6.57 31.69
CA ALA B 85 -24.98 6.08 33.05
C ALA B 85 -25.42 7.23 33.94
N ALA B 86 -25.52 6.99 35.25
CA ALA B 86 -25.95 8.03 36.18
C ALA B 86 -24.90 9.14 36.33
N VAL C 11 -22.65 -1.36 -17.46
CA VAL C 11 -23.15 -1.76 -16.11
C VAL C 11 -22.24 -1.14 -15.03
N GLN C 12 -22.84 -0.72 -13.92
CA GLN C 12 -22.06 -0.11 -12.85
C GLN C 12 -21.23 -1.16 -12.10
N ARG C 13 -20.08 -0.75 -11.55
CA ARG C 13 -19.26 -1.68 -10.75
C ARG C 13 -20.11 -1.87 -9.46
N PRO C 14 -19.89 -2.98 -8.72
CA PRO C 14 -20.64 -3.26 -7.47
C PRO C 14 -20.85 -2.12 -6.47
N LEU C 15 -19.78 -1.45 -6.05
CA LEU C 15 -19.90 -0.36 -5.10
C LEU C 15 -20.60 0.86 -5.66
N ASP C 16 -20.58 1.03 -6.97
CA ASP C 16 -21.30 2.15 -7.55
C ASP C 16 -22.79 1.78 -7.61
N ALA C 17 -23.10 0.55 -8.00
CA ALA C 17 -24.50 0.12 -8.06
C ALA C 17 -25.14 0.11 -6.65
N LEU C 18 -24.33 -0.05 -5.61
CA LEU C 18 -24.88 -0.07 -4.24
C LEU C 18 -25.57 1.27 -3.99
N GLY C 19 -25.04 2.32 -4.59
CA GLY C 19 -25.60 3.64 -4.40
C GLY C 19 -27.09 3.72 -4.71
N ASN C 20 -27.57 2.87 -5.61
CA ASN C 20 -28.97 2.87 -5.97
C ASN C 20 -29.86 2.36 -4.83
N SER C 21 -29.23 1.71 -3.84
CA SER C 21 -29.99 1.21 -2.70
C SER C 21 -29.99 2.18 -1.56
N LEU C 22 -29.36 3.34 -1.71
CA LEU C 22 -29.35 4.29 -0.62
C LEU C 22 -30.81 4.72 -0.33
N ASN C 23 -31.12 4.77 0.95
CA ASN C 23 -32.44 5.14 1.48
C ASN C 23 -33.53 4.09 1.37
N SER C 24 -33.12 2.88 1.02
CA SER C 24 -34.01 1.74 0.92
C SER C 24 -33.66 0.67 1.96
N PRO C 25 -34.65 -0.17 2.33
CA PRO C 25 -34.41 -1.23 3.32
C PRO C 25 -33.52 -2.30 2.71
N VAL C 26 -32.54 -2.76 3.50
CA VAL C 26 -31.63 -3.78 3.02
C VAL C 26 -31.44 -4.86 4.10
N ILE C 27 -30.86 -5.97 3.68
CA ILE C 27 -30.52 -7.05 4.60
C ILE C 27 -29.00 -7.23 4.51
N ILE C 28 -28.33 -7.17 5.66
CA ILE C 28 -26.88 -7.40 5.73
C ILE C 28 -26.59 -8.72 6.47
N LYS C 29 -26.09 -9.72 5.76
CA LYS C 29 -25.76 -11.02 6.30
C LYS C 29 -24.32 -10.96 6.76
N LEU C 30 -24.05 -11.35 8.00
CA LEU C 30 -22.67 -11.27 8.48
C LEU C 30 -22.07 -12.64 8.64
N LYS C 31 -20.74 -12.66 8.80
CA LYS C 31 -19.98 -13.89 8.98
C LYS C 31 -20.38 -14.44 10.33
N GLY C 32 -20.75 -15.70 10.37
CA GLY C 32 -21.15 -16.23 11.66
C GLY C 32 -22.66 -16.23 11.80
N ASP C 33 -23.35 -15.84 10.74
CA ASP C 33 -24.82 -15.86 10.71
C ASP C 33 -25.70 -14.80 11.31
N ARG C 34 -25.17 -13.85 12.03
CA ARG C 34 -26.11 -12.85 12.46
C ARG C 34 -26.60 -12.22 11.15
N GLU C 35 -27.52 -11.28 11.31
CA GLU C 35 -28.06 -10.59 10.17
C GLU C 35 -28.66 -9.32 10.71
N PHE C 36 -28.54 -8.26 9.92
CA PHE C 36 -29.12 -6.97 10.30
C PHE C 36 -30.08 -6.57 9.19
N ARG C 37 -31.11 -5.85 9.55
CA ARG C 37 -32.06 -5.35 8.58
C ARG C 37 -32.23 -3.92 8.97
N GLY C 38 -32.30 -3.06 7.96
CA GLY C 38 -32.49 -1.66 8.20
C GLY C 38 -32.46 -0.87 6.91
N VAL C 39 -32.44 0.44 7.04
CA VAL C 39 -32.39 1.30 5.87
C VAL C 39 -30.96 1.77 5.63
N LEU C 40 -30.45 1.52 4.42
CA LEU C 40 -29.07 1.92 4.07
C LEU C 40 -28.94 3.43 3.96
N LYS C 41 -28.10 4.06 4.78
CA LYS C 41 -27.94 5.52 4.74
C LYS C 41 -26.66 5.93 4.03
N SER C 42 -25.59 5.13 4.15
CA SER C 42 -24.33 5.43 3.47
C SER C 42 -23.34 4.28 3.58
N PHE C 43 -22.26 4.34 2.80
CA PHE C 43 -21.21 3.32 2.83
C PHE C 43 -19.91 3.96 2.30
N ASP C 44 -18.80 3.23 2.43
CA ASP C 44 -17.51 3.68 1.89
C ASP C 44 -16.92 2.50 1.13
N LEU C 45 -15.73 2.72 0.55
CA LEU C 45 -15.06 1.69 -0.26
C LEU C 45 -14.59 0.43 0.46
N HIS C 46 -14.56 0.43 1.79
CA HIS C 46 -14.23 -0.75 2.58
C HIS C 46 -15.55 -1.51 2.86
N MET C 47 -16.67 -0.95 2.38
CA MET C 47 -17.97 -1.54 2.63
C MET C 47 -18.46 -1.33 4.08
N ASN C 48 -17.86 -0.36 4.80
CA ASN C 48 -18.40 -0.07 6.11
C ASN C 48 -19.71 0.61 5.73
N LEU C 49 -20.70 0.55 6.58
CA LEU C 49 -21.93 1.23 6.26
C LEU C 49 -22.73 1.70 7.47
N VAL C 50 -23.66 2.60 7.19
CA VAL C 50 -24.54 3.17 8.21
C VAL C 50 -25.99 2.75 7.88
N LEU C 51 -26.68 2.17 8.86
CA LEU C 51 -28.09 1.76 8.71
C LEU C 51 -28.95 2.54 9.72
N ASN C 52 -30.16 2.92 9.32
CA ASN C 52 -31.12 3.56 10.21
C ASN C 52 -32.17 2.51 10.54
N ASP C 53 -32.86 2.68 11.66
CA ASP C 53 -33.92 1.74 12.06
C ASP C 53 -33.46 0.30 11.94
N ALA C 54 -32.30 0.01 12.51
CA ALA C 54 -31.74 -1.31 12.42
C ALA C 54 -32.12 -2.23 13.57
N GLU C 55 -32.17 -3.52 13.24
CA GLU C 55 -32.43 -4.55 14.22
C GLU C 55 -31.52 -5.76 13.89
N GLU C 56 -31.03 -6.41 14.94
CA GLU C 56 -30.15 -7.55 14.81
C GLU C 56 -30.99 -8.81 14.91
N LEU C 57 -30.73 -9.78 14.04
CA LEU C 57 -31.46 -11.03 14.07
C LEU C 57 -30.49 -12.19 14.19
N GLU C 58 -30.99 -13.28 14.76
CA GLU C 58 -30.22 -14.49 14.94
C GLU C 58 -31.25 -15.61 14.78
N ASP C 59 -31.00 -16.53 13.84
CA ASP C 59 -31.94 -17.62 13.58
C ASP C 59 -33.27 -17.05 13.07
N GLY C 60 -33.22 -15.85 12.50
CA GLY C 60 -34.42 -15.25 11.95
C GLY C 60 -35.24 -14.45 12.94
N GLU C 61 -34.94 -14.58 14.23
CA GLU C 61 -35.68 -13.83 15.24
C GLU C 61 -34.91 -12.56 15.61
N VAL C 62 -35.61 -11.44 15.73
CA VAL C 62 -34.97 -10.19 16.10
C VAL C 62 -34.47 -10.26 17.55
N THR C 63 -33.18 -9.99 17.75
CA THR C 63 -32.53 -10.04 19.07
C THR C 63 -32.42 -8.66 19.72
N ARG C 64 -32.51 -7.61 18.92
CA ARG C 64 -32.46 -6.25 19.43
C ARG C 64 -32.62 -5.21 18.34
N ARG C 65 -33.19 -4.08 18.76
CA ARG C 65 -33.41 -2.95 17.89
C ARG C 65 -32.31 -1.99 18.29
N LEU C 66 -31.52 -1.60 17.31
CA LEU C 66 -30.37 -0.75 17.55
C LEU C 66 -30.51 0.71 17.14
N GLY C 67 -31.44 1.03 16.27
CA GLY C 67 -31.54 2.42 15.88
C GLY C 67 -30.50 2.64 14.80
N THR C 68 -29.80 3.77 14.82
CA THR C 68 -28.79 4.00 13.80
C THR C 68 -27.51 3.22 14.15
N VAL C 69 -26.95 2.49 13.17
CA VAL C 69 -25.75 1.68 13.44
C VAL C 69 -24.68 1.72 12.34
N LEU C 70 -23.42 1.69 12.76
CA LEU C 70 -22.27 1.69 11.84
C LEU C 70 -21.74 0.26 11.85
N ILE C 71 -21.80 -0.41 10.71
CA ILE C 71 -21.31 -1.80 10.61
C ILE C 71 -19.95 -1.84 9.87
N ARG C 72 -18.94 -2.47 10.47
CA ARG C 72 -17.60 -2.58 9.85
C ARG C 72 -17.65 -3.53 8.66
N GLY C 73 -17.15 -3.08 7.51
CA GLY C 73 -17.28 -3.92 6.31
C GLY C 73 -16.71 -5.32 6.25
N ASP C 74 -15.60 -5.59 6.96
CA ASP C 74 -15.03 -6.91 6.82
C ASP C 74 -15.81 -8.04 7.46
N ASN C 75 -16.90 -7.71 8.12
CA ASN C 75 -17.78 -8.69 8.75
C ASN C 75 -18.88 -9.09 7.71
N ILE C 76 -19.00 -8.35 6.62
CA ILE C 76 -20.10 -8.64 5.67
C ILE C 76 -19.88 -9.84 4.75
N VAL C 77 -20.93 -10.62 4.58
CA VAL C 77 -20.92 -11.75 3.65
C VAL C 77 -21.68 -11.20 2.37
N TYR C 78 -22.91 -10.75 2.53
CA TYR C 78 -23.65 -10.17 1.37
C TYR C 78 -24.66 -9.10 1.80
N ILE C 79 -25.16 -8.35 0.81
CA ILE C 79 -26.13 -7.30 1.07
C ILE C 79 -27.18 -7.52 0.00
N SER C 80 -28.44 -7.60 0.43
CA SER C 80 -29.57 -7.76 -0.48
C SER C 80 -30.67 -6.75 -0.03
N ARG C 81 -31.73 -6.59 -0.82
CA ARG C 81 -32.81 -5.68 -0.43
C ARG C 81 -33.79 -6.32 0.60
N GLY C 82 -34.37 -5.49 1.44
CA GLY C 82 -35.34 -5.99 2.39
C GLY C 82 -36.74 -5.74 1.86
N LYS C 83 -37.76 -6.21 2.58
CA LYS C 83 -39.16 -6.02 2.18
C LYS C 83 -39.76 -4.97 3.09
N LEU C 84 -40.87 -4.37 2.67
CA LEU C 84 -41.56 -3.39 3.52
C LEU C 84 -42.56 -4.20 4.37
N ALA C 85 -43.09 -3.59 5.43
CA ALA C 85 -44.06 -4.25 6.30
C ALA C 85 -45.21 -4.90 5.49
N ALA C 86 -45.64 -6.08 5.92
CA ALA C 86 -46.71 -6.84 5.28
C ALA C 86 -47.86 -5.90 4.91
N ALA C 87 -47.92 -4.78 5.64
CA ALA C 87 -48.89 -3.70 5.45
C ALA C 87 -49.57 -3.30 6.76
N ASN D 10 -3.51 -17.93 -26.08
CA ASN D 10 -3.80 -16.56 -25.55
C ASN D 10 -4.91 -16.60 -24.49
N VAL D 11 -4.50 -16.83 -23.24
CA VAL D 11 -5.47 -16.92 -22.16
C VAL D 11 -5.52 -15.64 -21.33
N GLN D 12 -6.73 -15.27 -20.92
CA GLN D 12 -6.91 -14.07 -20.14
C GLN D 12 -6.56 -14.34 -18.69
N ARG D 13 -6.16 -13.28 -17.97
CA ARG D 13 -5.84 -13.41 -16.55
C ARG D 13 -7.18 -13.78 -15.89
N PRO D 14 -7.18 -14.40 -14.70
CA PRO D 14 -8.43 -14.78 -14.05
C PRO D 14 -9.54 -13.73 -14.00
N LEU D 15 -9.24 -12.52 -13.51
CA LEU D 15 -10.29 -11.51 -13.38
C LEU D 15 -10.77 -11.01 -14.71
N ASP D 16 -9.94 -11.20 -15.72
CA ASP D 16 -10.37 -10.84 -17.08
C ASP D 16 -11.24 -11.99 -17.63
N ALA D 17 -10.86 -13.22 -17.32
CA ALA D 17 -11.64 -14.36 -17.79
C ALA D 17 -13.04 -14.34 -17.16
N LEU D 18 -13.12 -13.80 -15.94
CA LEU D 18 -14.40 -13.73 -15.24
C LEU D 18 -15.39 -12.87 -16.07
N GLY D 19 -14.89 -11.88 -16.76
CA GLY D 19 -15.76 -11.04 -17.56
C GLY D 19 -16.58 -11.85 -18.58
N ASN D 20 -16.09 -13.02 -18.97
CA ASN D 20 -16.77 -13.83 -19.95
C ASN D 20 -18.11 -14.32 -19.43
N SER D 21 -18.25 -14.39 -18.11
CA SER D 21 -19.48 -14.87 -17.53
C SER D 21 -20.52 -13.81 -17.32
N LEU D 22 -20.21 -12.57 -17.66
CA LEU D 22 -21.19 -11.53 -17.43
C LEU D 22 -22.48 -11.90 -18.15
N ASN D 23 -23.60 -11.69 -17.45
CA ASN D 23 -24.94 -11.98 -17.93
C ASN D 23 -25.22 -13.44 -18.14
N SER D 24 -24.39 -14.29 -17.53
CA SER D 24 -24.56 -15.76 -17.56
C SER D 24 -24.82 -16.28 -16.14
N PRO D 25 -25.41 -17.47 -16.03
CA PRO D 25 -25.72 -18.11 -14.74
C PRO D 25 -24.41 -18.63 -14.13
N VAL D 26 -24.22 -18.42 -12.84
CA VAL D 26 -23.00 -18.89 -12.17
C VAL D 26 -23.35 -19.44 -10.81
N ILE D 27 -22.37 -20.13 -10.22
CA ILE D 27 -22.44 -20.75 -8.90
C ILE D 27 -21.27 -20.15 -8.09
N ILE D 28 -21.60 -19.60 -6.92
CA ILE D 28 -20.61 -18.98 -6.02
C ILE D 28 -20.58 -19.76 -4.73
N LYS D 29 -19.43 -20.34 -4.44
CA LYS D 29 -19.22 -21.09 -3.21
C LYS D 29 -18.42 -20.22 -2.22
N LEU D 30 -18.96 -20.03 -1.02
CA LEU D 30 -18.32 -19.20 0.02
C LEU D 30 -17.59 -19.98 1.09
N LYS D 31 -16.71 -19.27 1.80
CA LYS D 31 -15.91 -19.82 2.91
C LYS D 31 -16.94 -20.26 3.94
N GLY D 32 -16.66 -21.38 4.62
CA GLY D 32 -17.66 -21.86 5.56
C GLY D 32 -18.45 -22.92 4.79
N ASP D 33 -19.26 -22.50 3.82
CA ASP D 33 -20.03 -23.44 3.01
C ASP D 33 -21.25 -22.90 2.25
N ARG D 34 -21.73 -21.71 2.57
CA ARG D 34 -22.87 -21.17 1.83
C ARG D 34 -22.59 -21.24 0.31
N GLU D 35 -23.65 -21.38 -0.48
CA GLU D 35 -23.55 -21.46 -1.93
C GLU D 35 -24.70 -20.65 -2.54
N PHE D 36 -24.41 -19.90 -3.61
CA PHE D 36 -25.40 -19.09 -4.29
C PHE D 36 -25.35 -19.34 -5.77
N ARG D 37 -26.52 -19.19 -6.39
CA ARG D 37 -26.69 -19.35 -7.83
C ARG D 37 -27.42 -18.08 -8.28
N GLY D 38 -27.07 -17.63 -9.48
CA GLY D 38 -27.72 -16.44 -10.01
C GLY D 38 -27.02 -16.03 -11.27
N VAL D 39 -27.45 -14.91 -11.82
CA VAL D 39 -26.88 -14.38 -13.05
C VAL D 39 -25.85 -13.33 -12.64
N LEU D 40 -24.61 -13.45 -13.13
CA LEU D 40 -23.53 -12.51 -12.79
C LEU D 40 -23.74 -11.21 -13.58
N LYS D 41 -23.85 -10.09 -12.87
CA LYS D 41 -24.09 -8.79 -13.50
C LYS D 41 -22.86 -7.86 -13.55
N SER D 42 -22.04 -7.91 -12.50
CA SER D 42 -20.84 -7.08 -12.45
C SER D 42 -19.93 -7.60 -11.34
N PHE D 43 -18.69 -7.14 -11.33
CA PHE D 43 -17.72 -7.52 -10.31
C PHE D 43 -16.62 -6.45 -10.30
N ASP D 44 -15.80 -6.45 -9.26
CA ASP D 44 -14.68 -5.53 -9.24
C ASP D 44 -13.40 -6.30 -8.95
N LEU D 45 -12.29 -5.58 -8.87
CA LEU D 45 -11.01 -6.20 -8.63
C LEU D 45 -10.86 -6.90 -7.30
N HIS D 46 -11.76 -6.63 -6.35
CA HIS D 46 -11.71 -7.30 -5.04
C HIS D 46 -12.51 -8.59 -5.13
N MET D 47 -13.14 -8.80 -6.29
CA MET D 47 -14.00 -9.95 -6.48
C MET D 47 -15.39 -9.78 -5.82
N ASN D 48 -15.75 -8.56 -5.46
CA ASN D 48 -17.10 -8.35 -5.00
C ASN D 48 -17.92 -8.58 -6.28
N LEU D 49 -19.11 -9.15 -6.12
CA LEU D 49 -19.97 -9.51 -7.25
C LEU D 49 -21.39 -9.06 -7.02
N VAL D 50 -22.10 -8.80 -8.12
CA VAL D 50 -23.51 -8.50 -8.02
C VAL D 50 -24.17 -9.61 -8.85
N LEU D 51 -25.12 -10.33 -8.26
CA LEU D 51 -25.83 -11.38 -9.00
C LEU D 51 -27.31 -10.99 -9.09
N ASN D 52 -27.97 -11.34 -10.19
CA ASN D 52 -29.41 -11.10 -10.34
C ASN D 52 -30.11 -12.46 -10.14
N ASP D 53 -31.36 -12.46 -9.69
CA ASP D 53 -32.11 -13.72 -9.50
C ASP D 53 -31.35 -14.66 -8.59
N ALA D 54 -30.80 -14.13 -7.51
CA ALA D 54 -30.01 -14.96 -6.64
C ALA D 54 -30.78 -15.91 -5.72
N GLU D 55 -30.22 -17.11 -5.56
CA GLU D 55 -30.80 -18.11 -4.69
C GLU D 55 -29.70 -18.76 -3.90
N GLU D 56 -29.90 -18.91 -2.60
CA GLU D 56 -28.94 -19.58 -1.75
C GLU D 56 -29.28 -21.07 -1.66
N LEU D 57 -28.26 -21.90 -1.55
CA LEU D 57 -28.39 -23.34 -1.41
C LEU D 57 -27.62 -23.76 -0.16
N GLU D 58 -28.31 -24.47 0.72
CA GLU D 58 -27.72 -24.95 1.96
C GLU D 58 -27.78 -26.47 1.84
N ASP D 59 -26.68 -27.07 1.37
CA ASP D 59 -26.61 -28.52 1.19
C ASP D 59 -27.59 -29.08 0.13
N GLY D 60 -27.22 -28.94 -1.13
CA GLY D 60 -28.04 -29.47 -2.21
C GLY D 60 -29.33 -28.78 -2.60
N GLU D 61 -29.88 -27.89 -1.77
CA GLU D 61 -31.13 -27.28 -2.18
C GLU D 61 -31.48 -25.86 -1.68
N VAL D 62 -32.25 -25.15 -2.51
CA VAL D 62 -32.72 -23.78 -2.26
C VAL D 62 -33.28 -23.52 -0.87
N THR D 63 -32.69 -22.55 -0.18
CA THR D 63 -33.12 -22.23 1.15
C THR D 63 -33.56 -20.78 1.29
N ARG D 64 -33.26 -19.96 0.29
CA ARG D 64 -33.60 -18.54 0.38
C ARG D 64 -33.47 -17.89 -0.99
N ARG D 65 -34.53 -17.22 -1.45
CA ARG D 65 -34.51 -16.51 -2.73
C ARG D 65 -34.23 -15.06 -2.35
N LEU D 66 -33.17 -14.46 -2.93
CA LEU D 66 -32.80 -13.11 -2.55
C LEU D 66 -33.02 -11.98 -3.53
N GLY D 67 -33.28 -12.27 -4.80
CA GLY D 67 -33.42 -11.16 -5.74
C GLY D 67 -31.99 -10.67 -5.99
N THR D 68 -31.77 -9.38 -6.11
CA THR D 68 -30.42 -8.94 -6.38
C THR D 68 -29.60 -9.00 -5.10
N VAL D 69 -28.34 -9.36 -5.22
CA VAL D 69 -27.43 -9.45 -4.05
C VAL D 69 -25.99 -9.05 -4.41
N LEU D 70 -25.35 -8.39 -3.44
CA LEU D 70 -23.95 -7.97 -3.54
C LEU D 70 -23.20 -8.86 -2.54
N ILE D 71 -22.31 -9.69 -3.06
CA ILE D 71 -21.50 -10.61 -2.27
C ILE D 71 -20.10 -10.01 -2.14
N ARG D 72 -19.61 -9.90 -0.92
CA ARG D 72 -18.27 -9.37 -0.69
C ARG D 72 -17.19 -10.38 -1.12
N GLY D 73 -16.27 -9.92 -1.96
CA GLY D 73 -15.23 -10.80 -2.49
C GLY D 73 -14.36 -11.66 -1.57
N ASP D 74 -14.00 -11.16 -0.39
CA ASP D 74 -13.12 -11.99 0.47
C ASP D 74 -13.77 -13.22 1.08
N ASN D 75 -15.07 -13.38 0.89
CA ASN D 75 -15.78 -14.58 1.36
C ASN D 75 -15.76 -15.69 0.29
N ILE D 76 -15.33 -15.38 -0.91
CA ILE D 76 -15.42 -16.40 -1.98
C ILE D 76 -14.38 -17.51 -2.01
N VAL D 77 -14.79 -18.76 -2.25
CA VAL D 77 -13.81 -19.84 -2.39
C VAL D 77 -13.64 -20.03 -3.93
N TYR D 78 -14.76 -20.17 -4.65
CA TYR D 78 -14.71 -20.32 -6.08
C TYR D 78 -15.99 -19.90 -6.80
N ILE D 79 -15.85 -19.70 -8.11
CA ILE D 79 -16.94 -19.28 -8.95
C ILE D 79 -16.93 -20.22 -10.16
N SER D 80 -18.07 -20.85 -10.47
CA SER D 80 -18.15 -21.76 -11.63
C SER D 80 -19.39 -21.48 -12.48
N ARG D 81 -19.45 -22.08 -13.68
CA ARG D 81 -20.62 -21.86 -14.54
C ARG D 81 -21.80 -22.73 -14.07
N GLY D 82 -22.97 -22.13 -13.90
CA GLY D 82 -24.11 -22.87 -13.43
C GLY D 82 -24.90 -23.57 -14.52
N LYS D 83 -26.04 -24.14 -14.11
CA LYS D 83 -26.94 -24.87 -15.00
C LYS D 83 -26.28 -26.11 -15.61
N ASN E 10 18.01 -18.69 -13.40
CA ASN E 10 18.49 -20.05 -13.05
C ASN E 10 17.45 -20.67 -12.09
N VAL E 11 17.19 -19.99 -10.99
CA VAL E 11 16.20 -20.46 -10.03
C VAL E 11 14.95 -19.62 -10.22
N GLN E 12 13.92 -20.19 -10.82
CA GLN E 12 12.66 -19.48 -11.05
C GLN E 12 11.91 -19.22 -9.74
N ARG E 13 11.45 -17.99 -9.53
CA ARG E 13 10.66 -17.65 -8.34
C ARG E 13 9.38 -18.51 -8.44
N PRO E 14 8.76 -18.85 -7.29
CA PRO E 14 7.54 -19.67 -7.25
C PRO E 14 6.46 -19.33 -8.27
N LEU E 15 6.01 -18.09 -8.33
CA LEU E 15 4.95 -17.77 -9.29
C LEU E 15 5.35 -17.78 -10.77
N ASP E 16 6.63 -17.68 -11.07
CA ASP E 16 7.10 -17.75 -12.43
C ASP E 16 7.16 -19.24 -12.81
N ALA E 17 7.63 -20.07 -11.88
CA ALA E 17 7.71 -21.54 -12.03
C ALA E 17 6.33 -22.20 -12.25
N LEU E 18 5.31 -21.64 -11.58
CA LEU E 18 3.95 -22.10 -11.70
C LEU E 18 3.54 -21.99 -13.18
N GLY E 19 4.01 -20.95 -13.86
CA GLY E 19 3.69 -20.79 -15.27
C GLY E 19 4.04 -22.03 -16.10
N ASN E 20 4.98 -22.83 -15.62
CA ASN E 20 5.39 -24.03 -16.37
C ASN E 20 4.34 -25.15 -16.29
N SER E 21 3.32 -24.94 -15.45
CA SER E 21 2.27 -25.93 -15.34
C SER E 21 1.05 -25.54 -16.14
N LEU E 22 1.11 -24.42 -16.88
CA LEU E 22 -0.06 -24.05 -17.66
C LEU E 22 -0.41 -25.16 -18.66
N ASN E 23 -1.72 -25.44 -18.75
CA ASN E 23 -2.34 -26.44 -19.62
C ASN E 23 -2.03 -27.87 -19.23
N SER E 24 -1.53 -28.04 -18.02
CA SER E 24 -1.29 -29.38 -17.54
C SER E 24 -2.18 -29.64 -16.31
N PRO E 25 -2.42 -30.93 -15.97
CA PRO E 25 -3.24 -31.24 -14.80
C PRO E 25 -2.53 -30.91 -13.49
N VAL E 26 -3.28 -30.32 -12.57
CA VAL E 26 -2.73 -29.98 -11.26
C VAL E 26 -3.72 -30.39 -10.21
N ILE E 27 -3.27 -30.37 -8.95
CA ILE E 27 -4.11 -30.69 -7.82
C ILE E 27 -3.97 -29.51 -6.86
N ILE E 28 -5.10 -28.97 -6.42
CA ILE E 28 -5.11 -27.82 -5.52
C ILE E 28 -5.75 -28.16 -4.18
N LYS E 29 -5.00 -28.03 -3.09
CA LYS E 29 -5.55 -28.30 -1.77
C LYS E 29 -5.90 -26.92 -1.15
N LEU E 30 -7.11 -26.78 -0.61
CA LEU E 30 -7.55 -25.52 -0.02
C LEU E 30 -7.66 -25.59 1.51
N LYS E 31 -7.74 -24.41 2.16
CA LYS E 31 -7.90 -24.36 3.61
C LYS E 31 -9.27 -25.03 3.92
N GLY E 32 -9.34 -25.82 4.99
CA GLY E 32 -10.61 -26.48 5.27
C GLY E 32 -10.68 -27.83 4.56
N ASP E 33 -9.54 -28.26 4.02
CA ASP E 33 -9.37 -29.52 3.33
C ASP E 33 -10.10 -29.86 2.04
N ARG E 34 -10.72 -28.88 1.39
CA ARG E 34 -11.35 -29.15 0.11
C ARG E 34 -10.19 -29.42 -0.85
N GLU E 35 -10.43 -30.27 -1.84
CA GLU E 35 -9.42 -30.56 -2.84
C GLU E 35 -10.03 -30.49 -4.25
N PHE E 36 -9.33 -29.86 -5.18
CA PHE E 36 -9.81 -29.77 -6.55
C PHE E 36 -8.73 -30.30 -7.48
N ARG E 37 -9.16 -30.73 -8.67
CA ARG E 37 -8.26 -31.20 -9.70
C ARG E 37 -8.84 -30.69 -11.01
N GLY E 38 -7.94 -30.31 -11.92
CA GLY E 38 -8.36 -29.78 -13.21
C GLY E 38 -7.10 -29.40 -13.97
N VAL E 39 -7.29 -28.80 -15.15
CA VAL E 39 -6.20 -28.35 -16.01
C VAL E 39 -5.98 -26.85 -15.74
N LEU E 40 -4.77 -26.49 -15.35
CA LEU E 40 -4.47 -25.07 -15.03
C LEU E 40 -4.51 -24.23 -16.30
N LYS E 41 -5.38 -23.21 -16.31
CA LYS E 41 -5.51 -22.35 -17.49
C LYS E 41 -4.82 -20.99 -17.36
N SER E 42 -4.82 -20.42 -16.15
CA SER E 42 -4.16 -19.12 -15.92
C SER E 42 -4.14 -18.85 -14.40
N PHE E 43 -3.46 -17.77 -14.02
CA PHE E 43 -3.38 -17.38 -12.62
C PHE E 43 -2.87 -15.94 -12.59
N ASP E 44 -2.97 -15.32 -11.43
CA ASP E 44 -2.43 -13.96 -11.25
C ASP E 44 -1.54 -13.89 -10.01
N LEU E 45 -1.03 -12.69 -9.69
CA LEU E 45 -0.12 -12.54 -8.55
C LEU E 45 -0.75 -12.80 -7.21
N HIS E 46 -2.09 -12.81 -7.12
CA HIS E 46 -2.73 -13.16 -5.83
C HIS E 46 -2.87 -14.67 -5.73
N MET E 47 -2.47 -15.37 -6.79
CA MET E 47 -2.63 -16.84 -6.89
C MET E 47 -4.10 -17.23 -7.17
N ASN E 48 -4.89 -16.30 -7.71
CA ASN E 48 -6.25 -16.66 -8.15
C ASN E 48 -5.94 -17.59 -9.36
N LEU E 49 -6.80 -18.57 -9.63
CA LEU E 49 -6.51 -19.52 -10.75
C LEU E 49 -7.75 -19.83 -11.53
N VAL E 50 -7.59 -20.19 -12.80
CA VAL E 50 -8.74 -20.63 -13.58
C VAL E 50 -8.35 -22.07 -13.92
N LEU E 51 -9.28 -23.01 -13.72
CA LEU E 51 -9.06 -24.43 -14.00
C LEU E 51 -10.13 -24.92 -14.98
N ASN E 52 -9.75 -25.77 -15.93
CA ASN E 52 -10.73 -26.34 -16.85
C ASN E 52 -11.03 -27.77 -16.40
N ASP E 53 -12.21 -28.29 -16.74
CA ASP E 53 -12.56 -29.67 -16.38
C ASP E 53 -12.34 -29.90 -14.87
N ALA E 54 -12.76 -28.96 -14.04
CA ALA E 54 -12.51 -29.06 -12.60
C ALA E 54 -13.44 -30.02 -11.86
N GLU E 55 -12.87 -30.71 -10.89
CA GLU E 55 -13.62 -31.65 -10.08
C GLU E 55 -13.23 -31.46 -8.64
N GLU E 56 -14.20 -31.48 -7.75
CA GLU E 56 -13.92 -31.35 -6.33
C GLU E 56 -13.80 -32.78 -5.80
N LEU E 57 -12.86 -33.00 -4.90
CA LEU E 57 -12.61 -34.31 -4.35
C LEU E 57 -12.83 -34.35 -2.86
N GLU E 58 -13.31 -35.48 -2.38
CA GLU E 58 -13.55 -35.68 -0.96
C GLU E 58 -13.21 -37.11 -0.58
N ASP E 59 -12.40 -37.25 0.46
CA ASP E 59 -11.97 -38.57 0.92
C ASP E 59 -11.06 -39.21 -0.12
N GLY E 60 -11.36 -38.94 -1.39
CA GLY E 60 -10.57 -39.47 -2.48
C GLY E 60 -11.44 -39.58 -3.72
N GLU E 61 -12.74 -39.36 -3.55
CA GLU E 61 -13.65 -39.48 -4.67
C GLU E 61 -14.21 -38.16 -5.21
N VAL E 62 -14.39 -38.12 -6.53
CA VAL E 62 -14.95 -36.95 -7.18
C VAL E 62 -16.37 -36.76 -6.65
N THR E 63 -16.61 -35.60 -6.07
CA THR E 63 -17.88 -35.30 -5.50
C THR E 63 -18.61 -34.24 -6.29
N ARG E 64 -17.89 -33.58 -7.20
CA ARG E 64 -18.54 -32.55 -7.96
C ARG E 64 -17.76 -32.24 -9.22
N ARG E 65 -18.47 -32.10 -10.35
CA ARG E 65 -17.83 -31.75 -11.60
C ARG E 65 -18.32 -30.35 -11.86
N LEU E 66 -17.37 -29.42 -11.99
CA LEU E 66 -17.67 -28.01 -12.14
C LEU E 66 -17.35 -27.40 -13.51
N GLY E 67 -16.63 -28.12 -14.36
CA GLY E 67 -16.28 -27.52 -15.64
C GLY E 67 -15.20 -26.48 -15.37
N THR E 68 -15.34 -25.27 -15.92
CA THR E 68 -14.32 -24.25 -15.68
C THR E 68 -14.64 -23.47 -14.42
N VAL E 69 -13.63 -23.32 -13.55
CA VAL E 69 -13.80 -22.66 -12.27
C VAL E 69 -12.71 -21.63 -12.00
N LEU E 70 -13.05 -20.59 -11.24
CA LEU E 70 -12.05 -19.60 -10.86
C LEU E 70 -11.92 -19.78 -9.32
N ILE E 71 -10.73 -20.09 -8.84
CA ILE E 71 -10.52 -20.28 -7.40
C ILE E 71 -9.82 -19.00 -6.84
N ARG E 72 -10.31 -18.45 -5.74
CA ARG E 72 -9.71 -17.24 -5.16
C ARG E 72 -8.43 -17.64 -4.44
N GLY E 73 -7.32 -16.95 -4.74
CA GLY E 73 -6.03 -17.39 -4.20
C GLY E 73 -5.82 -17.55 -2.71
N ASP E 74 -6.47 -16.70 -1.93
CA ASP E 74 -6.26 -16.73 -0.48
C ASP E 74 -6.71 -18.06 0.15
N ASN E 75 -7.54 -18.86 -0.55
CA ASN E 75 -8.00 -20.16 -0.02
C ASN E 75 -6.98 -21.30 -0.19
N ILE E 76 -5.94 -21.06 -0.96
CA ILE E 76 -5.00 -22.09 -1.25
C ILE E 76 -3.97 -22.47 -0.24
N VAL E 77 -3.77 -23.77 -0.08
CA VAL E 77 -2.70 -24.25 0.82
C VAL E 77 -1.51 -24.60 -0.08
N TYR E 78 -1.72 -25.49 -1.06
CA TYR E 78 -0.64 -25.81 -1.97
C TYR E 78 -1.17 -26.25 -3.33
N ILE E 79 -0.29 -26.27 -4.32
CA ILE E 79 -0.64 -26.68 -5.68
C ILE E 79 0.42 -27.70 -6.09
N SER E 80 -0.01 -28.83 -6.64
CA SER E 80 0.94 -29.85 -7.09
C SER E 80 0.51 -30.44 -8.42
N ARG E 81 1.39 -31.22 -9.03
CA ARG E 81 1.12 -31.84 -10.32
C ARG E 81 0.18 -33.05 -10.25
N GLY E 82 -0.78 -33.08 -11.17
CA GLY E 82 -1.70 -34.21 -11.20
C GLY E 82 -1.05 -35.36 -11.95
N LYS E 83 -1.82 -36.37 -12.31
CA LYS E 83 -1.25 -37.50 -13.05
C LYS E 83 -1.47 -37.28 -14.55
N LEU E 84 -0.56 -37.81 -15.36
CA LEU E 84 -0.63 -37.70 -16.82
C LEU E 84 -1.69 -38.64 -17.37
N ASN F 10 27.01 -8.06 11.45
CA ASN F 10 25.52 -7.99 11.35
C ASN F 10 25.05 -9.04 10.32
N VAL F 11 24.44 -10.12 10.81
CA VAL F 11 23.96 -11.24 9.98
C VAL F 11 22.83 -10.96 9.00
N GLN F 12 22.53 -11.98 8.22
CA GLN F 12 21.48 -11.86 7.23
C GLN F 12 20.08 -11.80 7.81
N ARG F 13 19.24 -10.98 7.17
CA ARG F 13 17.84 -10.87 7.54
C ARG F 13 17.30 -12.26 7.27
N PRO F 14 16.19 -12.65 7.96
CA PRO F 14 15.59 -13.99 7.78
C PRO F 14 15.39 -14.52 6.35
N LEU F 15 14.75 -13.73 5.49
CA LEU F 15 14.49 -14.20 4.13
C LEU F 15 15.76 -14.27 3.29
N ASP F 16 16.80 -13.55 3.69
CA ASP F 16 18.07 -13.63 2.98
C ASP F 16 18.78 -14.87 3.49
N ALA F 17 18.64 -15.18 4.77
CA ALA F 17 19.27 -16.37 5.32
C ALA F 17 18.61 -17.67 4.79
N LEU F 18 17.34 -17.59 4.44
CA LEU F 18 16.62 -18.75 3.91
C LEU F 18 17.31 -19.22 2.61
N GLY F 19 17.91 -18.28 1.90
CA GLY F 19 18.60 -18.62 0.67
C GLY F 19 19.71 -19.67 0.86
N ASN F 20 20.26 -19.77 2.07
CA ASN F 20 21.32 -20.75 2.30
C ASN F 20 20.79 -22.18 2.38
N SER F 21 19.47 -22.33 2.38
CA SER F 21 18.88 -23.67 2.46
C SER F 21 18.40 -24.14 1.12
N LEU F 22 18.63 -23.32 0.09
CA LEU F 22 18.22 -23.72 -1.24
C LEU F 22 18.94 -25.03 -1.54
N ASN F 23 18.22 -25.96 -2.16
CA ASN F 23 18.69 -27.29 -2.52
C ASN F 23 19.07 -28.18 -1.33
N SER F 24 18.45 -27.91 -0.19
CA SER F 24 18.66 -28.67 1.03
C SER F 24 17.30 -29.19 1.52
N PRO F 25 17.33 -30.19 2.41
CA PRO F 25 16.11 -30.78 2.97
C PRO F 25 15.50 -29.89 4.06
N VAL F 26 14.21 -29.61 3.97
CA VAL F 26 13.58 -28.77 4.99
C VAL F 26 12.27 -29.39 5.50
N ILE F 27 11.81 -28.89 6.64
CA ILE F 27 10.55 -29.31 7.25
C ILE F 27 9.68 -28.04 7.27
N ILE F 28 8.48 -28.11 6.69
CA ILE F 28 7.59 -26.94 6.66
C ILE F 28 6.39 -27.25 7.55
N LYS F 29 6.26 -26.51 8.63
CA LYS F 29 5.13 -26.73 9.51
C LYS F 29 4.04 -25.73 9.10
N LEU F 30 2.84 -26.21 8.81
CA LEU F 30 1.75 -25.31 8.40
C LEU F 30 0.72 -25.18 9.50
N LYS F 31 -0.14 -24.17 9.44
CA LYS F 31 -1.13 -24.05 10.52
C LYS F 31 -2.10 -25.21 10.45
N GLY F 32 -2.25 -25.87 11.58
CA GLY F 32 -3.12 -27.02 11.61
C GLY F 32 -2.40 -28.36 11.73
N ASP F 33 -1.29 -28.40 12.46
CA ASP F 33 -0.59 -29.66 12.66
C ASP F 33 -0.10 -30.35 11.35
N ARG F 34 -0.52 -29.85 10.20
CA ARG F 34 -0.05 -30.45 8.95
C ARG F 34 1.44 -30.14 8.78
N GLU F 35 2.14 -31.00 8.06
CA GLU F 35 3.57 -30.78 7.86
C GLU F 35 4.09 -31.38 6.55
N PHE F 36 5.06 -30.70 5.93
CA PHE F 36 5.69 -31.15 4.69
C PHE F 36 7.19 -31.29 4.84
N ARG F 37 7.76 -32.19 4.04
CA ARG F 37 9.19 -32.40 4.02
C ARG F 37 9.57 -32.47 2.55
N GLY F 38 10.73 -31.90 2.24
CA GLY F 38 11.21 -31.87 0.87
C GLY F 38 12.44 -31.02 0.70
N VAL F 39 12.93 -30.96 -0.53
CA VAL F 39 14.11 -30.17 -0.85
C VAL F 39 13.65 -28.76 -1.27
N LEU F 40 14.17 -27.74 -0.59
CA LEU F 40 13.82 -26.34 -0.92
C LEU F 40 14.37 -25.93 -2.29
N LYS F 41 13.49 -25.64 -3.25
CA LYS F 41 13.93 -25.24 -4.61
C LYS F 41 13.96 -23.70 -4.83
N SER F 42 12.99 -22.97 -4.26
CA SER F 42 12.95 -21.52 -4.39
C SER F 42 11.86 -20.97 -3.49
N PHE F 43 11.82 -19.64 -3.38
CA PHE F 43 10.83 -18.97 -2.56
C PHE F 43 10.77 -17.52 -2.99
N ASP F 44 9.84 -16.78 -2.41
CA ASP F 44 9.72 -15.35 -2.69
C ASP F 44 9.48 -14.57 -1.41
N LEU F 45 9.23 -13.28 -1.56
CA LEU F 45 9.03 -12.37 -0.42
C LEU F 45 7.79 -12.63 0.40
N HIS F 46 6.82 -13.34 -0.16
CA HIS F 46 5.61 -13.67 0.58
C HIS F 46 5.85 -14.98 1.30
N MET F 47 7.02 -15.55 1.07
CA MET F 47 7.41 -16.84 1.63
C MET F 47 6.67 -18.02 0.92
N ASN F 48 6.14 -17.79 -0.30
CA ASN F 48 5.58 -18.92 -1.07
C ASN F 48 6.87 -19.74 -1.31
N LEU F 49 6.76 -21.07 -1.39
CA LEU F 49 7.92 -21.94 -1.58
C LEU F 49 7.64 -22.98 -2.65
N VAL F 50 8.70 -23.47 -3.27
CA VAL F 50 8.60 -24.59 -4.21
C VAL F 50 9.47 -25.69 -3.59
N LEU F 51 8.89 -26.87 -3.34
CA LEU F 51 9.66 -27.99 -2.80
C LEU F 51 9.70 -29.11 -3.82
N ASN F 52 10.82 -29.83 -3.84
CA ASN F 52 11.00 -31.02 -4.71
C ASN F 52 10.87 -32.25 -3.81
N ASP F 53 10.52 -33.40 -4.39
CA ASP F 53 10.38 -34.65 -3.63
C ASP F 53 9.71 -34.38 -2.32
N ALA F 54 8.53 -33.77 -2.38
CA ALA F 54 7.82 -33.40 -1.18
C ALA F 54 6.88 -34.50 -0.74
N GLU F 55 6.74 -34.60 0.57
CA GLU F 55 5.87 -35.57 1.19
C GLU F 55 5.15 -34.86 2.33
N GLU F 56 3.86 -35.16 2.46
CA GLU F 56 3.03 -34.56 3.48
C GLU F 56 2.99 -35.54 4.64
N LEU F 57 2.93 -35.01 5.85
CA LEU F 57 2.88 -35.87 7.01
C LEU F 57 1.78 -35.51 7.95
N GLU F 58 1.48 -36.51 8.78
CA GLU F 58 0.48 -36.44 9.80
C GLU F 58 1.08 -37.29 10.93
N ASP F 59 1.08 -36.75 12.14
CA ASP F 59 1.61 -37.45 13.30
C ASP F 59 2.86 -38.30 13.05
N GLY F 60 3.82 -37.69 12.36
CA GLY F 60 5.08 -38.38 12.08
C GLY F 60 5.00 -39.37 10.93
N GLU F 61 3.79 -39.66 10.48
CA GLU F 61 3.61 -40.63 9.39
C GLU F 61 3.22 -39.97 8.06
N VAL F 62 3.96 -40.32 7.01
CA VAL F 62 3.71 -39.80 5.66
C VAL F 62 2.29 -40.10 5.20
N THR F 63 1.62 -39.06 4.71
CA THR F 63 0.26 -39.18 4.23
C THR F 63 0.18 -39.19 2.70
N ARG F 64 1.07 -38.47 2.05
CA ARG F 64 1.10 -38.39 0.60
C ARG F 64 2.46 -37.99 0.04
N ARG F 65 2.84 -38.58 -1.08
CA ARG F 65 4.09 -38.21 -1.74
C ARG F 65 3.57 -37.38 -2.89
N LEU F 66 3.95 -36.10 -2.90
CA LEU F 66 3.44 -35.18 -3.91
C LEU F 66 4.32 -34.80 -5.08
N GLY F 67 5.62 -34.97 -4.95
CA GLY F 67 6.50 -34.57 -6.03
C GLY F 67 6.82 -33.10 -5.89
N THR F 68 6.81 -32.34 -6.97
CA THR F 68 7.12 -30.91 -6.84
C THR F 68 5.84 -30.22 -6.36
N VAL F 69 5.96 -29.30 -5.39
CA VAL F 69 4.79 -28.66 -4.83
C VAL F 69 5.03 -27.14 -4.53
N LEU F 70 4.03 -26.30 -4.84
CA LEU F 70 4.07 -24.87 -4.56
C LEU F 70 3.19 -24.67 -3.32
N ILE F 71 3.78 -24.17 -2.25
CA ILE F 71 3.09 -23.90 -0.99
C ILE F 71 2.89 -22.38 -0.84
N ARG F 72 1.66 -21.98 -0.54
CA ARG F 72 1.40 -20.56 -0.38
C ARG F 72 1.92 -20.10 0.98
N GLY F 73 2.73 -19.02 1.00
CA GLY F 73 3.35 -18.51 2.23
C GLY F 73 2.52 -18.26 3.48
N ASP F 74 1.28 -17.79 3.30
CA ASP F 74 0.40 -17.45 4.44
C ASP F 74 -0.02 -18.65 5.26
N ASN F 75 0.23 -19.86 4.75
CA ASN F 75 -0.10 -21.08 5.49
C ASN F 75 1.05 -21.50 6.41
N ILE F 76 2.20 -20.88 6.26
CA ILE F 76 3.36 -21.36 7.04
C ILE F 76 3.48 -20.92 8.47
N VAL F 77 3.88 -21.84 9.38
CA VAL F 77 4.10 -21.54 10.79
C VAL F 77 5.63 -21.40 10.92
N TYR F 78 6.39 -22.42 10.52
CA TYR F 78 7.86 -22.28 10.55
C TYR F 78 8.55 -23.19 9.56
N ILE F 79 9.83 -22.90 9.33
CA ILE F 79 10.66 -23.71 8.42
C ILE F 79 11.92 -24.12 9.20
N SER F 80 12.24 -25.40 9.16
CA SER F 80 13.45 -25.90 9.80
C SER F 80 14.14 -26.88 8.87
N ARG F 81 15.38 -27.24 9.19
CA ARG F 81 16.07 -28.15 8.31
C ARG F 81 15.75 -29.59 8.63
N GLY F 82 15.78 -30.41 7.57
CA GLY F 82 15.51 -31.82 7.70
C GLY F 82 16.85 -32.53 7.69
N LYS F 83 16.91 -33.71 8.27
CA LYS F 83 18.16 -34.46 8.35
C LYS F 83 18.44 -35.27 7.07
N LEU F 84 17.56 -35.16 6.07
CA LEU F 84 17.71 -35.90 4.81
C LEU F 84 19.16 -35.98 4.28
N ASN G 10 14.71 8.54 25.82
CA ASN G 10 15.13 7.45 24.88
C ASN G 10 13.96 6.54 24.49
N VAL G 11 14.07 5.25 24.84
CA VAL G 11 13.09 4.21 24.54
C VAL G 11 12.84 4.09 23.05
N GLN G 12 13.32 2.98 22.50
CA GLN G 12 13.20 2.69 21.10
C GLN G 12 11.82 2.14 20.81
N ARG G 13 11.40 2.24 19.56
CA ARG G 13 10.12 1.71 19.13
C ARG G 13 10.32 0.17 19.25
N PRO G 14 9.23 -0.58 19.38
CA PRO G 14 9.25 -2.05 19.52
C PRO G 14 10.19 -2.80 18.55
N LEU G 15 10.09 -2.59 17.23
CA LEU G 15 10.99 -3.33 16.32
C LEU G 15 12.50 -2.98 16.44
N ASP G 16 12.82 -1.78 16.94
CA ASP G 16 14.21 -1.38 17.13
C ASP G 16 14.69 -1.99 18.45
N ALA G 17 13.83 -1.94 19.46
CA ALA G 17 14.15 -2.50 20.77
C ALA G 17 14.40 -4.01 20.62
N LEU G 18 13.79 -4.64 19.63
CA LEU G 18 13.96 -6.08 19.45
C LEU G 18 15.43 -6.37 19.10
N GLY G 19 16.08 -5.41 18.49
CA GLY G 19 17.49 -5.58 18.12
C GLY G 19 18.31 -5.86 19.36
N ASN G 20 17.89 -5.35 20.51
CA ASN G 20 18.67 -5.56 21.71
C ASN G 20 18.64 -7.00 22.18
N SER G 21 17.72 -7.80 21.64
CA SER G 21 17.60 -9.20 22.02
C SER G 21 18.37 -10.13 21.12
N LEU G 22 19.08 -9.62 20.09
CA LEU G 22 19.85 -10.49 19.20
C LEU G 22 20.87 -11.22 20.10
N ASN G 23 21.03 -12.52 19.94
CA ASN G 23 21.93 -13.35 20.74
C ASN G 23 21.49 -13.60 22.18
N SER G 24 20.22 -13.32 22.46
CA SER G 24 19.64 -13.59 23.78
C SER G 24 18.66 -14.74 23.69
N PRO G 25 18.41 -15.43 24.81
CA PRO G 25 17.44 -16.53 24.78
C PRO G 25 16.05 -15.85 24.83
N VAL G 26 15.07 -16.36 24.06
CA VAL G 26 13.74 -15.79 24.14
C VAL G 26 12.71 -16.94 24.17
N ILE G 27 11.46 -16.57 24.41
CA ILE G 27 10.32 -17.48 24.47
C ILE G 27 9.30 -16.86 23.50
N ILE G 28 8.92 -17.62 22.47
CA ILE G 28 7.97 -17.13 21.46
C ILE G 28 6.67 -17.89 21.61
N LYS G 29 5.57 -17.17 21.81
CA LYS G 29 4.25 -17.80 21.90
C LYS G 29 3.55 -17.52 20.58
N LEU G 30 3.00 -18.55 19.93
CA LEU G 30 2.31 -18.41 18.63
C LEU G 30 0.79 -18.53 18.77
N LYS G 31 0.05 -18.01 17.77
CA LYS G 31 -1.41 -18.06 17.73
C LYS G 31 -1.75 -19.54 17.66
N GLY G 32 -2.69 -20.01 18.43
CA GLY G 32 -2.92 -21.43 18.31
C GLY G 32 -2.10 -22.22 19.30
N ASP G 33 -1.50 -21.51 20.25
CA ASP G 33 -0.78 -22.12 21.36
C ASP G 33 0.62 -22.74 21.34
N ARG G 34 1.22 -22.93 20.17
CA ARG G 34 2.55 -23.49 20.15
C ARG G 34 3.51 -22.49 20.84
N GLU G 35 4.56 -23.02 21.44
CA GLU G 35 5.56 -22.17 22.09
C GLU G 35 6.94 -22.65 21.69
N PHE G 36 7.85 -21.70 21.46
CA PHE G 36 9.22 -22.03 21.11
C PHE G 36 10.18 -21.24 22.01
N ARG G 37 11.30 -21.85 22.34
CA ARG G 37 12.35 -21.19 23.12
C ARG G 37 13.64 -21.40 22.32
N GLY G 38 14.48 -20.39 22.29
CA GLY G 38 15.73 -20.50 21.55
C GLY G 38 16.46 -19.17 21.60
N VAL G 39 17.58 -19.09 20.90
CA VAL G 39 18.39 -17.87 20.86
C VAL G 39 18.05 -17.09 19.59
N LEU G 40 17.59 -15.87 19.79
CA LEU G 40 17.21 -14.99 18.65
C LEU G 40 18.44 -14.63 17.79
N LYS G 41 18.43 -15.05 16.53
CA LYS G 41 19.58 -14.77 15.64
C LYS G 41 19.33 -13.56 14.72
N SER G 42 18.10 -13.41 14.23
CA SER G 42 17.77 -12.26 13.38
C SER G 42 16.26 -12.08 13.25
N PHE G 43 15.84 -10.95 12.68
CA PHE G 43 14.42 -10.70 12.47
C PHE G 43 14.28 -9.64 11.37
N ASP G 44 13.07 -9.41 10.95
CA ASP G 44 12.80 -8.38 9.95
C ASP G 44 11.55 -7.65 10.34
N LEU G 45 11.17 -6.73 9.47
CA LEU G 45 10.02 -5.88 9.72
C LEU G 45 8.65 -6.54 9.87
N HIS G 46 8.48 -7.74 9.31
CA HIS G 46 7.21 -8.48 9.46
C HIS G 46 7.22 -9.28 10.75
N MET G 47 8.33 -9.19 11.44
CA MET G 47 8.54 -9.97 12.67
C MET G 47 8.91 -11.44 12.37
N ASN G 48 9.25 -11.75 11.12
CA ASN G 48 9.78 -13.09 10.80
C ASN G 48 11.05 -13.17 11.70
N LEU G 49 11.30 -14.32 12.33
CA LEU G 49 12.42 -14.52 13.23
C LEU G 49 13.24 -15.74 12.86
N VAL G 50 14.51 -15.74 13.27
CA VAL G 50 15.36 -16.94 13.08
C VAL G 50 15.92 -17.24 14.47
N LEU G 51 15.70 -18.46 14.95
CA LEU G 51 16.22 -18.84 16.27
C LEU G 51 17.18 -19.97 16.11
N ASN G 52 18.19 -20.00 17.01
CA ASN G 52 19.17 -21.09 17.04
C ASN G 52 18.84 -21.96 18.25
N ASP G 53 19.31 -23.21 18.25
CA ASP G 53 19.04 -24.18 19.31
C ASP G 53 17.59 -24.14 19.81
N ALA G 54 16.66 -24.12 18.86
CA ALA G 54 15.26 -24.02 19.18
C ALA G 54 14.57 -25.35 19.53
N GLU G 55 13.62 -25.26 20.45
CA GLU G 55 12.81 -26.40 20.85
C GLU G 55 11.34 -25.94 20.97
N GLU G 56 10.43 -26.81 20.58
CA GLU G 56 9.02 -26.48 20.68
C GLU G 56 8.56 -27.04 22.00
N LEU G 57 7.75 -26.31 22.73
CA LEU G 57 7.26 -26.79 24.02
C LEU G 57 5.74 -26.88 24.10
N GLU G 58 5.31 -27.68 25.07
CA GLU G 58 3.90 -27.91 25.41
C GLU G 58 3.88 -28.07 26.92
N ASP G 59 2.92 -27.43 27.57
CA ASP G 59 2.80 -27.52 29.02
C ASP G 59 4.17 -27.59 29.72
N GLY G 60 5.03 -26.62 29.42
CA GLY G 60 6.36 -26.58 30.03
C GLY G 60 7.21 -27.78 29.66
N GLU G 61 6.83 -28.44 28.57
CA GLU G 61 7.51 -29.65 28.12
C GLU G 61 8.01 -29.62 26.67
N VAL G 62 9.30 -29.94 26.49
CA VAL G 62 9.93 -29.99 25.17
C VAL G 62 9.41 -31.16 24.34
N THR G 63 8.61 -30.87 23.33
CA THR G 63 8.08 -31.95 22.51
C THR G 63 8.86 -32.13 21.22
N ARG G 64 9.73 -31.16 20.91
CA ARG G 64 10.51 -31.24 19.70
C ARG G 64 11.75 -30.33 19.74
N ARG G 65 12.89 -30.86 19.30
CA ARG G 65 14.13 -30.09 19.23
C ARG G 65 14.30 -29.88 17.73
N LEU G 66 14.41 -28.62 17.32
CA LEU G 66 14.50 -28.29 15.89
C LEU G 66 15.81 -27.68 15.42
N GLY G 67 16.64 -27.20 16.34
CA GLY G 67 17.86 -26.57 15.89
C GLY G 67 17.55 -25.15 15.41
N THR G 68 17.96 -24.82 14.20
CA THR G 68 17.71 -23.49 13.64
C THR G 68 16.37 -23.48 12.90
N VAL G 69 15.49 -22.54 13.26
CA VAL G 69 14.19 -22.45 12.61
C VAL G 69 13.83 -21.02 12.19
N LEU G 70 13.08 -20.92 11.10
CA LEU G 70 12.60 -19.61 10.64
C LEU G 70 11.10 -19.57 11.04
N ILE G 71 10.70 -18.59 11.84
CA ILE G 71 9.30 -18.47 12.25
C ILE G 71 8.66 -17.32 11.51
N ARG G 72 7.54 -17.61 10.85
CA ARG G 72 6.84 -16.57 10.08
C ARG G 72 6.21 -15.61 11.08
N GLY G 73 6.45 -14.32 10.87
CA GLY G 73 5.96 -13.30 11.81
C GLY G 73 4.46 -13.18 12.13
N ASP G 74 3.60 -13.41 11.14
CA ASP G 74 2.13 -13.28 11.33
C ASP G 74 1.57 -14.26 12.36
N ASN G 75 2.35 -15.30 12.73
CA ASN G 75 1.92 -16.32 13.69
C ASN G 75 2.25 -15.89 15.13
N ILE G 76 3.04 -14.83 15.29
CA ILE G 76 3.44 -14.45 16.64
C ILE G 76 2.46 -13.71 17.51
N VAL G 77 2.34 -14.14 18.76
CA VAL G 77 1.49 -13.46 19.76
C VAL G 77 2.45 -12.57 20.58
N TYR G 78 3.51 -13.16 21.17
CA TYR G 78 4.48 -12.29 21.87
C TYR G 78 5.89 -12.89 21.93
N ILE G 79 6.89 -12.02 22.17
CA ILE G 79 8.28 -12.44 22.27
C ILE G 79 8.72 -11.99 23.66
N SER G 80 9.12 -12.93 24.49
CA SER G 80 9.46 -12.63 25.86
C SER G 80 10.91 -12.91 26.18
N ARG G 81 11.48 -12.08 27.04
CA ARG G 81 12.87 -12.24 27.46
C ARG G 81 12.86 -13.07 28.72
N GLY G 82 11.65 -13.30 29.24
CA GLY G 82 11.42 -14.12 30.42
C GLY G 82 12.09 -13.73 31.72
N LYS G 83 12.38 -14.75 32.54
CA LYS G 83 13.03 -14.54 33.82
C LYS G 83 14.14 -15.58 34.06
N LEU G 84 15.12 -15.22 34.88
CA LEU G 84 16.23 -16.13 35.20
C LEU G 84 15.73 -17.40 35.87
N ASN H 10 -4.15 17.46 22.68
CA ASN H 10 -4.10 18.92 22.99
C ASN H 10 -3.47 19.71 21.82
N VAL H 11 -2.44 19.13 21.18
CA VAL H 11 -1.85 19.80 20.01
C VAL H 11 -2.15 18.90 18.81
N GLN H 12 -3.00 19.37 17.92
CA GLN H 12 -3.40 18.61 16.75
C GLN H 12 -2.36 18.35 15.64
N ARG H 13 -2.43 17.16 15.06
CA ARG H 13 -1.59 16.77 13.92
C ARG H 13 -1.95 17.74 12.79
N PRO H 14 -1.01 18.03 11.89
CA PRO H 14 -1.30 18.96 10.79
C PRO H 14 -2.67 18.88 10.10
N LEU H 15 -3.03 17.72 9.55
CA LEU H 15 -4.31 17.57 8.85
C LEU H 15 -5.53 17.71 9.76
N ASP H 16 -5.33 17.52 11.06
CA ASP H 16 -6.41 17.72 12.00
C ASP H 16 -6.49 19.23 12.33
N ALA H 17 -5.36 19.89 12.54
CA ALA H 17 -5.35 21.32 12.86
C ALA H 17 -6.02 22.13 11.76
N LEU H 18 -5.83 21.68 10.53
CA LEU H 18 -6.40 22.32 9.33
C LEU H 18 -7.93 22.52 9.42
N GLY H 19 -8.59 21.64 10.15
CA GLY H 19 -10.03 21.67 10.31
C GLY H 19 -10.53 22.92 10.99
N ASN H 20 -9.62 23.59 11.70
CA ASN H 20 -9.95 24.82 12.38
C ASN H 20 -10.13 25.96 11.40
N SER H 21 -9.63 25.79 10.19
CA SER H 21 -9.74 26.83 9.17
C SER H 21 -10.92 26.61 8.24
N LEU H 22 -11.75 25.62 8.52
CA LEU H 22 -12.92 25.40 7.66
C LEU H 22 -13.79 26.66 7.72
N ASN H 23 -14.25 27.12 6.56
CA ASN H 23 -15.09 28.32 6.44
C ASN H 23 -14.37 29.64 6.72
N SER H 24 -13.04 29.59 6.73
CA SER H 24 -12.22 30.78 6.95
C SER H 24 -11.41 31.05 5.70
N PRO H 25 -11.00 32.31 5.46
CA PRO H 25 -10.21 32.57 4.25
C PRO H 25 -8.79 32.04 4.43
N VAL H 26 -8.21 31.52 3.36
CA VAL H 26 -6.87 30.97 3.40
C VAL H 26 -6.10 31.35 2.16
N ILE H 27 -4.80 31.17 2.21
CA ILE H 27 -3.91 31.41 1.09
C ILE H 27 -3.31 30.04 0.76
N ILE H 28 -3.31 29.66 -0.50
CA ILE H 28 -2.72 28.38 -0.88
C ILE H 28 -1.58 28.69 -1.84
N LYS H 29 -0.34 28.46 -1.41
CA LYS H 29 0.79 28.68 -2.25
C LYS H 29 1.06 27.38 -3.06
N LEU H 30 1.13 27.51 -4.37
CA LEU H 30 1.35 26.33 -5.20
C LEU H 30 2.74 26.22 -5.76
N LYS H 31 3.01 25.02 -6.25
CA LYS H 31 4.29 24.71 -6.84
C LYS H 31 4.41 25.52 -8.13
N GLY H 32 5.33 26.45 -8.15
CA GLY H 32 5.46 27.26 -9.35
C GLY H 32 5.09 28.70 -9.11
N ASP H 33 4.93 29.04 -7.83
CA ASP H 33 4.63 30.40 -7.40
C ASP H 33 3.32 31.04 -7.87
N ARG H 34 2.35 30.18 -8.10
CA ARG H 34 1.03 30.64 -8.43
C ARG H 34 0.53 30.66 -7.00
N GLU H 35 -0.69 31.09 -6.78
CA GLU H 35 -1.20 31.13 -5.44
C GLU H 35 -2.70 31.29 -5.55
N PHE H 36 -3.43 30.80 -4.54
CA PHE H 36 -4.88 30.91 -4.50
C PHE H 36 -5.30 31.51 -3.20
N ARG H 37 -6.42 32.21 -3.23
CA ARG H 37 -6.94 32.77 -2.00
C ARG H 37 -8.41 32.47 -2.03
N GLY H 38 -8.99 32.17 -0.88
CA GLY H 38 -10.40 31.86 -0.89
C GLY H 38 -10.83 31.25 0.40
N VAL H 39 -12.11 30.95 0.51
CA VAL H 39 -12.60 30.36 1.74
C VAL H 39 -12.53 28.84 1.67
N LEU H 40 -11.80 28.25 2.61
CA LEU H 40 -11.68 26.79 2.66
C LEU H 40 -13.01 26.14 3.00
N LYS H 41 -13.49 25.27 2.12
CA LYS H 41 -14.75 24.58 2.36
C LYS H 41 -14.59 23.12 2.80
N SER H 42 -13.59 22.43 2.25
CA SER H 42 -13.36 21.05 2.65
C SER H 42 -12.01 20.54 2.23
N PHE H 43 -11.64 19.38 2.75
CA PHE H 43 -10.37 18.83 2.37
C PHE H 43 -10.36 17.36 2.75
N ASP H 44 -9.35 16.66 2.25
CA ASP H 44 -9.18 15.25 2.56
C ASP H 44 -7.69 14.95 2.92
N LEU H 45 -7.41 13.68 3.23
CA LEU H 45 -6.05 13.25 3.58
C LEU H 45 -4.95 13.47 2.56
N HIS H 46 -5.31 13.66 1.29
CA HIS H 46 -4.29 13.91 0.26
C HIS H 46 -4.00 15.38 0.16
N MET H 47 -4.73 16.14 0.97
CA MET H 47 -4.65 17.57 0.96
C MET H 47 -5.38 18.16 -0.23
N ASN H 48 -6.22 17.37 -0.91
CA ASN H 48 -7.06 17.93 -1.98
C ASN H 48 -7.94 18.98 -1.25
N LEU H 49 -8.26 20.09 -1.90
CA LEU H 49 -9.03 21.13 -1.20
C LEU H 49 -10.18 21.66 -2.06
N VAL H 50 -11.24 22.15 -1.41
CA VAL H 50 -12.31 22.84 -2.14
C VAL H 50 -12.35 24.26 -1.53
N LEU H 51 -12.24 25.30 -2.36
CA LEU H 51 -12.38 26.68 -1.87
C LEU H 51 -13.61 27.33 -2.55
N ASN H 52 -14.23 28.30 -1.88
CA ASN H 52 -15.35 29.10 -2.44
C ASN H 52 -14.86 30.54 -2.62
N ASP H 53 -15.44 31.28 -3.59
CA ASP H 53 -15.04 32.68 -3.83
C ASP H 53 -13.53 32.78 -4.01
N ALA H 54 -13.00 31.93 -4.87
CA ALA H 54 -11.59 31.81 -5.10
C ALA H 54 -10.99 32.70 -6.17
N GLU H 55 -9.74 33.00 -5.94
CA GLU H 55 -8.97 33.87 -6.80
C GLU H 55 -7.59 33.25 -7.06
N GLU H 56 -7.22 33.18 -8.33
CA GLU H 56 -5.94 32.67 -8.74
C GLU H 56 -5.06 33.89 -8.99
N LEU H 57 -3.88 33.92 -8.35
CA LEU H 57 -2.92 35.00 -8.53
C LEU H 57 -1.62 34.45 -9.09
N GLU H 58 -0.90 35.30 -9.83
CA GLU H 58 0.40 34.97 -10.39
C GLU H 58 1.21 36.25 -10.34
N ASP H 59 2.41 36.17 -9.78
CA ASP H 59 3.28 37.33 -9.66
C ASP H 59 2.57 38.42 -8.87
N GLY H 60 1.71 37.98 -7.96
CA GLY H 60 0.99 38.93 -7.12
C GLY H 60 -0.22 39.59 -7.75
N GLU H 61 -0.51 39.24 -9.00
CA GLU H 61 -1.64 39.83 -9.71
C GLU H 61 -2.77 38.82 -9.89
N VAL H 62 -3.97 39.21 -9.47
CA VAL H 62 -5.15 38.37 -9.61
C VAL H 62 -5.30 38.12 -11.11
N THR H 63 -5.29 36.86 -11.53
CA THR H 63 -5.44 36.54 -12.95
C THR H 63 -6.77 35.89 -13.27
N ARG H 64 -7.47 35.41 -12.26
CA ARG H 64 -8.75 34.77 -12.49
C ARG H 64 -9.61 34.64 -11.26
N ARG H 65 -10.93 34.71 -11.48
CA ARG H 65 -11.92 34.54 -10.42
C ARG H 65 -12.46 33.15 -10.76
N LEU H 66 -12.17 32.15 -9.93
CA LEU H 66 -12.60 30.78 -10.23
C LEU H 66 -13.79 30.27 -9.46
N GLY H 67 -14.51 31.17 -8.78
CA GLY H 67 -15.68 30.75 -8.03
C GLY H 67 -15.37 29.56 -7.13
N THR H 68 -16.11 28.46 -7.27
CA THR H 68 -15.80 27.29 -6.44
C THR H 68 -14.78 26.48 -7.21
N VAL H 69 -13.73 26.00 -6.52
CA VAL H 69 -12.68 25.26 -7.22
C VAL H 69 -12.09 24.11 -6.36
N LEU H 70 -11.71 23.04 -7.02
CA LEU H 70 -11.10 21.88 -6.36
C LEU H 70 -9.61 21.94 -6.70
N ILE H 71 -8.75 21.93 -5.69
CA ILE H 71 -7.33 21.99 -5.93
C ILE H 71 -6.75 20.63 -5.52
N ARG H 72 -5.95 20.04 -6.39
CA ARG H 72 -5.33 18.74 -6.09
C ARG H 72 -4.15 18.95 -5.12
N GLY H 73 -4.16 18.20 -4.02
CA GLY H 73 -3.14 18.31 -2.99
C GLY H 73 -1.66 18.29 -3.35
N ASP H 74 -1.28 17.46 -4.32
CA ASP H 74 0.11 17.29 -4.73
C ASP H 74 0.74 18.57 -5.29
N ASN H 75 -0.07 19.56 -5.61
CA ASN H 75 0.44 20.83 -6.10
C ASN H 75 0.79 21.84 -4.99
N ILE H 76 0.32 21.59 -3.78
CA ILE H 76 0.49 22.49 -2.64
C ILE H 76 1.87 22.62 -1.98
N VAL H 77 2.31 23.86 -1.71
CA VAL H 77 3.60 24.10 -1.02
C VAL H 77 3.19 24.36 0.43
N TYR H 78 2.30 25.34 0.61
CA TYR H 78 1.81 25.60 1.95
C TYR H 78 0.46 26.25 1.99
N ILE H 79 -0.17 26.19 3.16
CA ILE H 79 -1.49 26.79 3.40
C ILE H 79 -1.42 27.70 4.65
N SER H 80 -1.88 28.94 4.51
CA SER H 80 -1.89 29.89 5.62
C SER H 80 -3.19 30.71 5.62
N ARG H 81 -3.35 31.52 6.65
CA ARG H 81 -4.55 32.34 6.81
C ARG H 81 -4.55 33.62 6.00
N GLY H 82 -5.73 33.94 5.47
CA GLY H 82 -5.91 35.14 4.68
C GLY H 82 -6.79 36.10 5.46
N LYS H 83 -7.23 37.17 4.82
CA LYS H 83 -8.08 38.14 5.51
C LYS H 83 -9.47 38.09 4.92
N LEU H 84 -10.48 38.19 5.78
CA LEU H 84 -11.90 38.14 5.37
C LEU H 84 -12.26 39.13 4.27
N ALA H 85 -12.21 38.67 3.02
CA ALA H 85 -12.53 39.51 1.85
C ALA H 85 -13.96 40.08 1.93
N ASN I 10 20.64 5.29 23.45
CA ASN I 10 19.70 5.07 22.29
C ASN I 10 19.45 6.32 21.47
N VAL I 11 19.57 6.19 20.17
CA VAL I 11 19.30 7.34 19.32
C VAL I 11 17.96 7.12 18.59
N GLN I 12 17.15 8.17 18.59
CA GLN I 12 15.84 8.12 17.96
C GLN I 12 15.88 8.14 16.44
N ARG I 13 14.90 7.51 15.82
CA ARG I 13 14.81 7.51 14.36
C ARG I 13 14.50 9.00 14.02
N PRO I 14 14.83 9.45 12.80
CA PRO I 14 14.60 10.85 12.39
C PRO I 14 13.25 11.47 12.81
N LEU I 15 12.14 10.81 12.48
CA LEU I 15 10.83 11.39 12.79
C LEU I 15 10.49 11.50 14.27
N ASP I 16 11.08 10.65 15.09
CA ASP I 16 10.88 10.72 16.54
C ASP I 16 11.81 11.82 17.09
N ALA I 17 12.99 11.97 16.47
CA ALA I 17 13.95 12.98 16.88
C ALA I 17 13.28 14.35 16.70
N LEU I 18 12.62 14.55 15.57
CA LEU I 18 11.91 15.78 15.25
C LEU I 18 11.01 16.22 16.41
N GLY I 19 10.46 15.26 17.13
CA GLY I 19 9.58 15.57 18.24
C GLY I 19 10.27 16.47 19.27
N ASN I 20 11.57 16.30 19.41
CA ASN I 20 12.35 17.08 20.37
C ASN I 20 12.31 18.58 20.04
N SER I 21 12.01 18.91 18.79
CA SER I 21 11.96 20.31 18.42
C SER I 21 10.62 20.98 18.57
N LEU I 22 9.61 20.28 19.09
CA LEU I 22 8.31 20.93 19.23
C LEU I 22 8.45 22.17 20.13
N ASN I 23 7.85 23.28 19.68
CA ASN I 23 7.85 24.54 20.41
C ASN I 23 9.18 25.23 20.40
N SER I 24 10.00 24.87 19.43
CA SER I 24 11.33 25.42 19.26
C SER I 24 11.39 26.02 17.88
N PRO I 25 12.28 27.01 17.70
CA PRO I 25 12.46 27.68 16.41
C PRO I 25 13.18 26.75 15.44
N VAL I 26 12.69 26.72 14.21
CA VAL I 26 13.29 25.88 13.19
C VAL I 26 13.39 26.64 11.92
N ILE I 27 14.20 26.09 11.03
CA ILE I 27 14.41 26.67 9.73
C ILE I 27 14.12 25.58 8.73
N ILE I 28 13.26 25.87 7.75
CA ILE I 28 12.93 24.85 6.73
C ILE I 28 13.31 25.28 5.33
N LYS I 29 14.06 24.46 4.63
CA LYS I 29 14.43 24.76 3.27
C LYS I 29 13.57 23.88 2.39
N LEU I 30 12.90 24.49 1.41
CA LEU I 30 12.05 23.74 0.49
C LEU I 30 12.70 23.56 -0.85
N LYS I 31 12.19 22.60 -1.65
CA LYS I 31 12.73 22.42 -2.99
C LYS I 31 12.29 23.74 -3.66
N GLY I 32 13.03 24.21 -4.66
CA GLY I 32 12.66 25.49 -5.24
C GLY I 32 13.28 26.65 -4.46
N ASP I 33 14.11 26.30 -3.48
CA ASP I 33 14.84 27.25 -2.65
C ASP I 33 14.15 28.18 -1.69
N ARG I 34 12.84 28.12 -1.64
CA ARG I 34 12.06 28.92 -0.72
C ARG I 34 12.52 28.52 0.69
N GLU I 35 12.55 29.46 1.64
CA GLU I 35 12.97 29.16 3.00
C GLU I 35 12.02 29.78 4.03
N PHE I 36 11.80 29.05 5.13
CA PHE I 36 10.92 29.50 6.20
C PHE I 36 11.52 29.31 7.60
N ARG I 37 11.09 30.16 8.52
CA ARG I 37 11.49 30.07 9.91
C ARG I 37 10.26 30.27 10.75
N GLY I 38 10.19 29.56 11.88
CA GLY I 38 9.04 29.68 12.75
C GLY I 38 9.17 28.71 13.90
N VAL I 39 8.13 28.64 14.74
CA VAL I 39 8.14 27.74 15.86
C VAL I 39 7.39 26.46 15.42
N LEU I 40 8.05 25.32 15.55
CA LEU I 40 7.43 24.04 15.16
C LEU I 40 6.37 23.67 16.18
N LYS I 41 5.13 23.56 15.74
CA LYS I 41 4.04 23.18 16.64
C LYS I 41 3.59 21.70 16.51
N SER I 42 3.72 21.12 15.32
CA SER I 42 3.36 19.71 15.11
C SER I 42 3.79 19.24 13.73
N PHE I 43 3.67 17.93 13.50
CA PHE I 43 4.05 17.30 12.23
C PHE I 43 3.43 15.91 12.21
N ASP I 44 3.52 15.27 11.05
CA ASP I 44 3.00 13.91 10.88
C ASP I 44 4.03 13.09 10.12
N LEU I 45 3.69 11.81 9.89
CA LEU I 45 4.56 10.89 9.19
C LEU I 45 4.93 11.27 7.78
N HIS I 46 4.17 12.17 7.17
CA HIS I 46 4.50 12.60 5.82
C HIS I 46 5.47 13.78 5.84
N MET I 47 5.79 14.19 7.06
CA MET I 47 6.65 15.34 7.32
C MET I 47 5.90 16.65 7.05
N ASN I 48 4.56 16.62 7.03
CA ASN I 48 3.79 17.83 6.89
C ASN I 48 4.03 18.50 8.22
N LEU I 49 4.02 19.83 8.26
CA LEU I 49 4.20 20.46 9.55
C LEU I 49 3.46 21.77 9.70
N VAL I 50 3.18 22.11 10.95
CA VAL I 50 2.50 23.34 11.32
C VAL I 50 3.54 24.21 12.06
N LEU I 51 3.72 25.44 11.58
CA LEU I 51 4.65 26.42 12.18
C LEU I 51 3.88 27.64 12.66
N ASN I 52 4.25 28.15 13.85
CA ASN I 52 3.65 29.37 14.40
C ASN I 52 4.62 30.51 14.11
N ASP I 53 4.12 31.75 14.07
CA ASP I 53 4.94 32.93 13.80
C ASP I 53 5.89 32.75 12.63
N ALA I 54 5.39 32.20 11.53
CA ALA I 54 6.22 31.94 10.38
C ALA I 54 6.48 33.12 9.46
N GLU I 55 7.64 33.06 8.82
CA GLU I 55 8.05 34.08 7.88
C GLU I 55 8.96 33.49 6.80
N GLU I 56 8.67 33.86 5.56
CA GLU I 56 9.44 33.41 4.42
C GLU I 56 10.69 34.30 4.31
N LEU I 57 11.80 33.70 3.93
CA LEU I 57 13.04 34.42 3.81
C LEU I 57 13.65 34.31 2.44
N GLU I 58 14.41 35.34 2.09
CA GLU I 58 15.10 35.45 0.82
C GLU I 58 16.46 36.05 1.17
N ASP I 59 17.53 35.41 0.72
CA ASP I 59 18.88 35.90 1.00
C ASP I 59 19.09 36.28 2.46
N GLY I 60 18.32 35.66 3.35
CA GLY I 60 18.44 35.93 4.78
C GLY I 60 17.66 37.12 5.30
N GLU I 61 16.53 37.45 4.66
CA GLU I 61 15.73 38.57 5.10
C GLU I 61 14.24 38.29 4.90
N VAL I 62 13.47 38.48 5.96
CA VAL I 62 12.04 38.23 5.92
C VAL I 62 11.36 38.93 4.73
N THR I 63 10.79 38.16 3.82
CA THR I 63 10.09 38.71 2.66
C THR I 63 8.57 38.50 2.78
N ARG I 64 8.13 38.02 3.94
CA ARG I 64 6.70 37.78 4.11
C ARG I 64 6.47 37.23 5.52
N ARG I 65 5.38 37.66 6.14
CA ARG I 65 5.02 37.19 7.47
C ARG I 65 3.77 36.41 7.11
N LEU I 66 3.63 35.20 7.63
CA LEU I 66 2.46 34.40 7.31
C LEU I 66 1.64 33.96 8.50
N GLY I 67 2.16 34.14 9.71
CA GLY I 67 1.41 33.69 10.86
C GLY I 67 1.53 32.17 10.96
N THR I 68 0.43 31.49 11.27
CA THR I 68 0.43 30.04 11.39
C THR I 68 0.35 29.42 9.99
N VAL I 69 1.28 28.50 9.70
CA VAL I 69 1.28 27.88 8.37
C VAL I 69 1.44 26.35 8.39
N LEU I 70 0.81 25.69 7.41
CA LEU I 70 0.90 24.25 7.23
C LEU I 70 1.77 24.05 6.00
N ILE I 71 2.93 23.38 6.17
CA ILE I 71 3.84 23.15 5.04
C ILE I 71 3.69 21.67 4.64
N ARG I 72 3.45 21.43 3.34
CA ARG I 72 3.29 20.06 2.85
C ARG I 72 4.65 19.39 2.80
N GLY I 73 4.72 18.24 3.49
CA GLY I 73 5.97 17.52 3.60
C GLY I 73 6.78 17.19 2.38
N ASP I 74 6.13 16.87 1.26
CA ASP I 74 6.92 16.50 0.10
C ASP I 74 7.74 17.63 -0.52
N ASN I 75 7.59 18.86 -0.03
CA ASN I 75 8.39 19.96 -0.56
C ASN I 75 9.70 20.15 0.25
N ILE I 76 9.79 19.47 1.39
CA ILE I 76 10.95 19.68 2.25
C ILE I 76 12.30 19.12 1.78
N VAL I 77 13.35 19.93 1.92
CA VAL I 77 14.70 19.49 1.59
C VAL I 77 15.28 19.20 2.98
N TYR I 78 15.22 20.16 3.88
CA TYR I 78 15.72 19.92 5.24
C TYR I 78 15.11 20.82 6.29
N ILE I 79 15.27 20.40 7.54
CA ILE I 79 14.79 21.15 8.69
C ILE I 79 16.00 21.25 9.67
N SER I 80 16.35 22.47 10.13
CA SER I 80 17.46 22.66 11.07
C SER I 80 17.00 23.57 12.20
N ARG I 81 17.85 23.78 13.21
CA ARG I 81 17.52 24.64 14.37
C ARG I 81 17.72 26.12 14.04
N GLY I 82 16.80 26.98 14.49
CA GLY I 82 16.92 28.41 14.23
C GLY I 82 17.78 29.20 15.23
N LYS I 83 17.16 30.12 15.96
CA LYS I 83 17.88 30.92 16.94
C LYS I 83 17.07 31.13 18.21
N VAL J 11 26.79 -10.67 2.81
CA VAL J 11 26.90 -9.19 2.58
C VAL J 11 25.57 -8.49 2.86
N GLN J 12 25.64 -7.46 3.69
CA GLN J 12 24.45 -6.71 4.12
C GLN J 12 23.73 -5.89 3.06
N ARG J 13 22.40 -5.84 3.15
CA ARG J 13 21.61 -5.01 2.23
C ARG J 13 22.01 -3.53 2.50
N PRO J 14 21.93 -2.66 1.48
CA PRO J 14 22.29 -1.23 1.60
C PRO J 14 21.90 -0.49 2.89
N LEU J 15 20.61 -0.50 3.23
CA LEU J 15 20.19 0.24 4.40
C LEU J 15 20.65 -0.38 5.71
N ASP J 16 21.02 -1.65 5.68
CA ASP J 16 21.57 -2.29 6.88
C ASP J 16 23.06 -1.90 6.91
N ALA J 17 23.73 -1.96 5.76
CA ALA J 17 25.15 -1.58 5.72
C ALA J 17 25.33 -0.10 6.19
N LEU J 18 24.36 0.75 5.86
CA LEU J 18 24.48 2.16 6.25
C LEU J 18 24.64 2.31 7.76
N GLY J 19 24.15 1.33 8.51
CA GLY J 19 24.28 1.43 9.95
C GLY J 19 25.73 1.44 10.43
N ASN J 20 26.64 0.95 9.62
CA ASN J 20 28.04 0.95 10.04
C ASN J 20 28.66 2.33 9.95
N SER J 21 27.93 3.28 9.35
CA SER J 21 28.45 4.61 9.22
C SER J 21 27.90 5.55 10.26
N LEU J 22 27.09 5.04 11.19
CA LEU J 22 26.57 5.87 12.23
C LEU J 22 27.73 6.42 13.08
N ASN J 23 27.59 7.69 13.43
CA ASN J 23 28.54 8.47 14.23
C ASN J 23 29.82 8.81 13.50
N SER J 24 29.85 8.58 12.21
CA SER J 24 30.99 8.91 11.37
C SER J 24 30.61 10.06 10.40
N PRO J 25 31.60 10.85 9.92
CA PRO J 25 31.33 11.94 8.97
C PRO J 25 30.96 11.34 7.63
N VAL J 26 29.99 11.98 6.94
CA VAL J 26 29.55 11.50 5.64
C VAL J 26 29.29 12.71 4.73
N ILE J 27 29.16 12.44 3.44
CA ILE J 27 28.88 13.45 2.43
C ILE J 27 27.54 13.03 1.81
N ILE J 28 26.59 13.97 1.80
CA ILE J 28 25.26 13.70 1.25
C ILE J 28 25.04 14.59 0.03
N LYS J 29 25.05 13.97 -1.14
CA LYS J 29 24.86 14.66 -2.41
C LYS J 29 23.36 14.70 -2.73
N LEU J 30 22.82 15.90 -2.92
CA LEU J 30 21.39 16.04 -3.23
C LEU J 30 21.13 16.41 -4.69
N LYS J 31 19.88 16.25 -5.10
CA LYS J 31 19.46 16.57 -6.47
C LYS J 31 19.64 18.07 -6.61
N GLY J 32 20.16 18.50 -7.74
CA GLY J 32 20.35 19.93 -7.92
C GLY J 32 21.76 20.33 -7.52
N ASP J 33 22.59 19.34 -7.25
CA ASP J 33 24.01 19.52 -6.92
C ASP J 33 24.40 20.28 -5.65
N ARG J 34 23.52 20.22 -4.66
CA ARG J 34 23.79 20.82 -3.39
C ARG J 34 24.50 19.63 -2.72
N GLU J 35 25.17 19.88 -1.61
CA GLU J 35 25.85 18.81 -0.91
C GLU J 35 25.90 19.15 0.57
N PHE J 36 25.74 18.13 1.42
CA PHE J 36 25.84 18.35 2.87
C PHE J 36 26.98 17.46 3.38
N ARG J 37 27.61 17.87 4.49
CA ARG J 37 28.67 17.09 5.11
C ARG J 37 28.36 17.20 6.57
N GLY J 38 28.55 16.11 7.33
CA GLY J 38 28.27 16.13 8.76
C GLY J 38 28.38 14.75 9.34
N VAL J 39 28.08 14.61 10.63
CA VAL J 39 28.18 13.30 11.28
C VAL J 39 26.81 12.60 11.26
N LEU J 40 26.73 11.44 10.61
CA LEU J 40 25.45 10.72 10.54
C LEU J 40 24.98 10.27 11.94
N LYS J 41 23.84 10.77 12.39
CA LYS J 41 23.34 10.35 13.72
C LYS J 41 22.21 9.30 13.64
N SER J 42 21.46 9.30 12.55
CA SER J 42 20.40 8.30 12.38
C SER J 42 19.73 8.43 11.00
N PHE J 43 18.97 7.40 10.64
CA PHE J 43 18.26 7.36 9.38
C PHE J 43 17.05 6.41 9.55
N ASP J 44 16.21 6.37 8.52
CA ASP J 44 15.06 5.48 8.55
C ASP J 44 14.98 4.85 7.18
N LEU J 45 13.94 4.02 6.96
CA LEU J 45 13.82 3.33 5.68
C LEU J 45 13.55 4.18 4.47
N HIS J 46 13.11 5.41 4.66
CA HIS J 46 12.88 6.34 3.53
C HIS J 46 14.19 7.03 3.18
N MET J 47 15.20 6.74 4.00
CA MET J 47 16.52 7.33 3.88
C MET J 47 16.49 8.79 4.37
N ASN J 48 15.54 9.12 5.25
CA ASN J 48 15.52 10.42 5.91
C ASN J 48 16.74 10.25 6.85
N LEU J 49 17.49 11.33 7.05
CA LEU J 49 18.72 11.28 7.86
C LEU J 49 18.82 12.40 8.86
N VAL J 50 19.50 12.18 9.99
CA VAL J 50 19.74 13.28 10.92
C VAL J 50 21.28 13.38 10.90
N LEU J 51 21.82 14.60 10.76
CA LEU J 51 23.27 14.84 10.76
C LEU J 51 23.57 15.88 11.80
N ASN J 52 24.70 15.71 12.49
CA ASN J 52 25.13 16.68 13.51
C ASN J 52 26.30 17.43 12.88
N ASP J 53 26.59 18.63 13.38
CA ASP J 53 27.69 19.46 12.84
C ASP J 53 27.62 19.54 11.34
N ALA J 54 26.43 19.80 10.83
CA ALA J 54 26.22 19.83 9.39
C ALA J 54 26.61 21.12 8.70
N GLU J 55 27.05 20.99 7.44
CA GLU J 55 27.38 22.14 6.61
C GLU J 55 26.85 21.92 5.19
N GLU J 56 26.22 22.93 4.62
CA GLU J 56 25.65 22.87 3.28
C GLU J 56 26.59 23.56 2.30
N LEU J 57 26.93 22.85 1.21
CA LEU J 57 27.82 23.35 0.18
C LEU J 57 27.17 23.54 -1.20
N GLU J 58 27.65 24.56 -1.89
CA GLU J 58 27.21 24.93 -3.24
C GLU J 58 28.47 25.09 -4.08
N ASP J 59 28.60 24.27 -5.13
CA ASP J 59 29.76 24.27 -6.04
C ASP J 59 31.04 23.76 -5.34
N GLY J 60 31.07 23.94 -4.03
CA GLY J 60 32.20 23.56 -3.23
C GLY J 60 32.07 24.55 -2.11
N GLU J 61 33.17 25.15 -1.69
CA GLU J 61 33.10 26.16 -0.63
C GLU J 61 32.26 25.65 0.57
N VAL J 62 31.42 26.54 1.11
CA VAL J 62 30.55 26.22 2.25
C VAL J 62 29.44 27.26 2.35
N THR J 63 28.26 26.93 1.83
CA THR J 63 27.10 27.83 1.88
C THR J 63 26.79 28.28 3.32
N ARG J 64 26.64 27.31 4.23
CA ARG J 64 26.37 27.64 5.63
C ARG J 64 26.42 26.48 6.63
N ARG J 65 26.75 26.84 7.88
CA ARG J 65 26.84 25.91 8.99
C ARG J 65 25.43 25.77 9.54
N LEU J 66 24.93 24.55 9.58
CA LEU J 66 23.56 24.34 10.03
C LEU J 66 23.38 23.67 11.39
N GLY J 67 24.44 23.07 11.91
CA GLY J 67 24.30 22.38 13.18
C GLY J 67 23.59 21.05 12.94
N THR J 68 22.64 20.68 13.79
CA THR J 68 21.92 19.42 13.60
C THR J 68 20.85 19.63 12.51
N VAL J 69 20.75 18.69 11.58
CA VAL J 69 19.74 18.86 10.55
C VAL J 69 19.06 17.55 10.20
N LEU J 70 17.78 17.63 9.84
CA LEU J 70 17.01 16.46 9.42
C LEU J 70 16.88 16.65 7.89
N ILE J 71 17.38 15.71 7.13
CA ILE J 71 17.32 15.78 5.65
C ILE J 71 16.27 14.77 5.14
N ARG J 72 15.33 15.25 4.30
CA ARG J 72 14.29 14.37 3.72
C ARG J 72 14.93 13.48 2.67
N GLY J 73 14.69 12.19 2.80
CA GLY J 73 15.31 11.24 1.91
C GLY J 73 15.12 11.32 0.43
N ASP J 74 13.93 11.74 -0.04
CA ASP J 74 13.81 11.73 -1.50
C ASP J 74 14.62 12.84 -2.19
N ASN J 75 15.36 13.61 -1.40
CA ASN J 75 16.25 14.65 -1.96
C ASN J 75 17.63 14.06 -2.29
N ILE J 76 17.91 12.87 -1.73
CA ILE J 76 19.23 12.27 -1.89
C ILE J 76 19.63 11.58 -3.18
N VAL J 77 20.83 11.86 -3.66
CA VAL J 77 21.33 11.17 -4.84
C VAL J 77 22.23 10.00 -4.33
N TYR J 78 23.24 10.33 -3.52
CA TYR J 78 24.14 9.29 -2.96
C TYR J 78 24.71 9.72 -1.65
N ILE J 79 25.26 8.75 -0.91
CA ILE J 79 25.85 9.00 0.39
C ILE J 79 27.23 8.32 0.37
N SER J 80 28.26 9.03 0.84
CA SER J 80 29.62 8.47 0.87
C SER J 80 30.30 8.93 2.17
N ARG J 81 31.46 8.36 2.49
CA ARG J 81 32.12 8.77 3.73
C ARG J 81 32.92 10.06 3.57
N GLY J 82 32.91 10.86 4.62
CA GLY J 82 33.68 12.08 4.62
C GLY J 82 35.03 11.81 5.27
N LYS J 83 35.92 12.80 5.23
CA LYS J 83 37.25 12.68 5.82
C LYS J 83 37.36 13.56 7.06
N LEU J 84 38.39 13.29 7.86
CA LEU J 84 38.68 14.06 9.08
C LEU J 84 39.32 15.41 8.74
N ALA J 85 39.35 16.34 9.69
CA ALA J 85 39.99 17.63 9.40
C ALA J 85 41.41 17.26 8.95
N ALA J 86 41.96 18.01 8.01
CA ALA J 86 43.31 17.74 7.46
C ALA J 86 44.53 18.02 8.35
N ASN K 10 14.91 -20.31 -17.95
CA ASN K 10 13.62 -19.67 -18.36
C ASN K 10 13.99 -18.21 -18.42
N VAL K 11 13.24 -17.36 -17.72
CA VAL K 11 13.56 -15.95 -17.73
C VAL K 11 13.83 -15.42 -16.32
N GLN K 12 15.05 -14.97 -16.09
CA GLN K 12 15.45 -14.39 -14.82
C GLN K 12 14.97 -12.92 -14.78
N ARG K 13 14.16 -12.56 -13.77
CA ARG K 13 13.63 -11.20 -13.63
C ARG K 13 14.77 -10.20 -13.44
N PRO K 14 14.58 -8.90 -13.81
CA PRO K 14 15.62 -7.87 -13.68
C PRO K 14 16.37 -7.77 -12.35
N LEU K 15 15.66 -7.61 -11.24
CA LEU K 15 16.31 -7.50 -9.92
C LEU K 15 17.06 -8.77 -9.49
N ASP K 16 16.63 -9.94 -9.96
CA ASP K 16 17.37 -11.18 -9.63
C ASP K 16 18.56 -11.28 -10.58
N ALA K 17 18.38 -10.83 -11.83
CA ALA K 17 19.48 -10.86 -12.80
C ALA K 17 20.62 -9.93 -12.35
N LEU K 18 20.29 -8.91 -11.57
CA LEU K 18 21.25 -7.93 -11.06
C LEU K 18 22.18 -8.62 -10.10
N GLY K 19 21.66 -9.66 -9.44
CA GLY K 19 22.51 -10.39 -8.51
C GLY K 19 23.74 -11.00 -9.18
N ASN K 20 23.63 -11.20 -10.50
CA ASN K 20 24.72 -11.78 -11.28
C ASN K 20 25.97 -10.90 -11.34
N SER K 21 25.80 -9.60 -11.08
CA SER K 21 26.88 -8.64 -11.10
C SER K 21 27.45 -8.33 -9.73
N LEU K 22 27.00 -9.03 -8.69
CA LEU K 22 27.57 -8.78 -7.38
C LEU K 22 29.05 -9.05 -7.49
N ASN K 23 29.86 -8.16 -6.91
CA ASN K 23 31.33 -8.25 -6.91
C ASN K 23 31.94 -8.09 -8.27
N SER K 24 31.20 -7.45 -9.19
CA SER K 24 31.69 -7.21 -10.55
C SER K 24 31.67 -5.71 -10.86
N PRO K 25 32.54 -5.26 -11.79
CA PRO K 25 32.53 -3.84 -12.12
C PRO K 25 31.28 -3.44 -12.94
N VAL K 26 30.67 -2.31 -12.57
CA VAL K 26 29.49 -1.86 -13.31
C VAL K 26 29.54 -0.38 -13.57
N ILE K 27 28.65 0.06 -14.46
CA ILE K 27 28.50 1.47 -14.82
C ILE K 27 27.05 1.87 -14.47
N ILE K 28 26.88 2.91 -13.66
CA ILE K 28 25.53 3.37 -13.25
C ILE K 28 25.32 4.77 -13.82
N LYS K 29 24.30 4.93 -14.64
CA LYS K 29 23.96 6.24 -15.23
C LYS K 29 22.78 6.78 -14.42
N LEU K 30 22.91 7.97 -13.86
CA LEU K 30 21.84 8.55 -13.09
C LEU K 30 21.05 9.60 -13.89
N LYS K 31 19.86 9.95 -13.39
CA LYS K 31 19.03 10.97 -14.01
C LYS K 31 19.85 12.27 -13.81
N GLY K 32 19.85 13.15 -14.78
CA GLY K 32 20.68 14.34 -14.61
C GLY K 32 22.05 14.13 -15.24
N ASP K 33 22.18 12.99 -15.92
CA ASP K 33 23.39 12.63 -16.64
C ASP K 33 24.68 12.30 -15.91
N ARG K 34 24.63 12.28 -14.59
CA ARG K 34 25.81 11.92 -13.80
C ARG K 34 26.11 10.42 -14.06
N GLU K 35 27.37 10.03 -13.92
CA GLU K 35 27.77 8.65 -14.12
C GLU K 35 28.77 8.18 -13.06
N PHE K 36 28.71 6.89 -12.74
CA PHE K 36 29.54 6.24 -11.74
C PHE K 36 29.94 4.85 -12.18
N ARG K 37 31.14 4.44 -11.77
CA ARG K 37 31.63 3.11 -12.08
C ARG K 37 32.20 2.61 -10.79
N GLY K 38 32.08 1.31 -10.56
CA GLY K 38 32.59 0.76 -9.32
C GLY K 38 32.25 -0.70 -9.26
N VAL K 39 32.56 -1.30 -8.12
CA VAL K 39 32.30 -2.72 -7.93
C VAL K 39 30.97 -2.85 -7.20
N LEU K 40 29.99 -3.55 -7.81
CA LEU K 40 28.67 -3.74 -7.17
C LEU K 40 28.76 -4.65 -5.94
N LYS K 41 28.53 -4.08 -4.76
CA LYS K 41 28.59 -4.87 -3.52
C LYS K 41 27.24 -5.40 -3.05
N SER K 42 26.18 -4.62 -3.25
CA SER K 42 24.84 -5.03 -2.81
C SER K 42 23.77 -4.09 -3.35
N PHE K 43 22.53 -4.50 -3.20
CA PHE K 43 21.40 -3.71 -3.64
C PHE K 43 20.12 -4.23 -2.95
N ASP K 44 19.03 -3.48 -3.09
CA ASP K 44 17.75 -3.90 -2.51
C ASP K 44 16.66 -3.76 -3.56
N LEU K 45 15.43 -4.07 -3.17
CA LEU K 45 14.30 -4.01 -4.10
C LEU K 45 13.96 -2.63 -4.62
N HIS K 46 14.44 -1.59 -3.96
CA HIS K 46 14.22 -0.24 -4.44
C HIS K 46 15.29 0.13 -5.45
N MET K 47 16.24 -0.78 -5.63
CA MET K 47 17.38 -0.58 -6.52
C MET K 47 18.41 0.36 -5.86
N ASN K 48 18.30 0.55 -4.54
CA ASN K 48 19.34 1.34 -3.86
C ASN K 48 20.56 0.41 -3.97
N LEU K 49 21.77 0.97 -4.06
CA LEU K 49 22.92 0.05 -4.13
C LEU K 49 24.17 0.56 -3.49
N VAL K 50 25.12 -0.35 -3.28
CA VAL K 50 26.39 -0.02 -2.66
C VAL K 50 27.51 -0.38 -3.64
N LEU K 51 28.35 0.60 -3.98
CA LEU K 51 29.49 0.38 -4.88
C LEU K 51 30.76 0.60 -4.05
N ASN K 52 31.79 -0.18 -4.33
CA ASN K 52 33.08 -0.02 -3.67
C ASN K 52 33.97 0.60 -4.75
N ASP K 53 35.05 1.28 -4.33
CA ASP K 53 35.99 1.85 -5.31
C ASP K 53 35.26 2.70 -6.34
N ALA K 54 34.30 3.47 -5.86
CA ALA K 54 33.50 4.24 -6.77
C ALA K 54 34.15 5.54 -7.26
N GLU K 55 33.96 5.79 -8.54
CA GLU K 55 34.48 6.97 -9.19
C GLU K 55 33.37 7.56 -10.04
N GLU K 56 33.23 8.88 -9.95
CA GLU K 56 32.24 9.58 -10.75
C GLU K 56 32.89 9.99 -12.09
N LEU K 57 32.22 9.70 -13.19
CA LEU K 57 32.72 10.02 -14.50
C LEU K 57 32.03 11.22 -15.08
N GLU K 58 32.77 11.88 -15.97
CA GLU K 58 32.34 13.06 -16.69
C GLU K 58 33.04 13.01 -18.04
N ASP K 59 32.30 12.59 -19.06
CA ASP K 59 32.82 12.49 -20.42
C ASP K 59 34.14 11.72 -20.46
N GLY K 60 34.11 10.47 -19.97
CA GLY K 60 35.29 9.63 -19.96
C GLY K 60 36.42 10.11 -19.05
N GLU K 61 36.09 10.99 -18.12
CA GLU K 61 37.08 11.53 -17.20
C GLU K 61 36.65 11.45 -15.75
N VAL K 62 37.42 10.74 -14.94
CA VAL K 62 37.10 10.62 -13.54
C VAL K 62 37.14 12.01 -12.89
N THR K 63 36.00 12.41 -12.35
CA THR K 63 35.83 13.69 -11.69
C THR K 63 36.08 13.63 -10.19
N ARG K 64 35.71 12.52 -9.57
CA ARG K 64 35.90 12.36 -8.13
C ARG K 64 36.07 10.86 -7.78
N ARG K 65 36.77 10.58 -6.68
CA ARG K 65 36.98 9.21 -6.23
C ARG K 65 36.27 9.23 -4.89
N LEU K 66 35.27 8.39 -4.72
CA LEU K 66 34.46 8.38 -3.50
C LEU K 66 34.71 7.28 -2.49
N GLY K 67 35.28 6.17 -2.93
CA GLY K 67 35.49 5.04 -2.05
C GLY K 67 34.14 4.30 -2.11
N THR K 68 33.65 3.83 -0.99
CA THR K 68 32.36 3.14 -0.98
C THR K 68 31.24 4.19 -1.07
N VAL K 69 30.23 3.92 -1.88
CA VAL K 69 29.12 4.88 -1.97
C VAL K 69 27.74 4.20 -1.96
N LEU K 70 26.75 4.83 -1.37
CA LEU K 70 25.37 4.29 -1.35
C LEU K 70 24.54 5.17 -2.29
N ILE K 71 24.07 4.56 -3.37
CA ILE K 71 23.26 5.29 -4.36
C ILE K 71 21.76 5.02 -4.15
N ARG K 72 20.94 6.07 -4.08
CA ARG K 72 19.49 5.93 -3.91
C ARG K 72 18.93 5.47 -5.24
N GLY K 73 18.22 4.35 -5.23
CA GLY K 73 17.74 3.81 -6.49
C GLY K 73 16.83 4.65 -7.38
N ASP K 74 16.03 5.54 -6.79
CA ASP K 74 15.12 6.34 -7.61
C ASP K 74 15.88 7.24 -8.59
N ASN K 75 17.18 7.42 -8.35
CA ASN K 75 17.99 8.26 -9.22
C ASN K 75 18.52 7.56 -10.44
N ILE K 76 18.36 6.25 -10.50
CA ILE K 76 18.93 5.47 -11.59
C ILE K 76 18.24 5.45 -12.93
N VAL K 77 19.03 5.56 -13.99
CA VAL K 77 18.50 5.42 -15.36
C VAL K 77 18.82 3.97 -15.82
N TYR K 78 20.09 3.54 -15.73
CA TYR K 78 20.45 2.16 -16.08
C TYR K 78 21.74 1.72 -15.41
N ILE K 79 21.95 0.41 -15.42
CA ILE K 79 23.11 -0.24 -14.83
C ILE K 79 23.64 -1.13 -15.94
N SER K 80 24.90 -0.96 -16.30
CA SER K 80 25.49 -1.81 -17.35
C SER K 80 26.75 -2.41 -16.78
N ARG K 81 27.27 -3.47 -17.38
CA ARG K 81 28.48 -4.08 -16.83
C ARG K 81 29.74 -3.27 -17.19
N ASN L 10 -9.34 -13.01 -27.54
CA ASN L 10 -8.83 -12.27 -26.34
C ASN L 10 -7.54 -11.45 -26.56
N VAL L 11 -7.57 -10.15 -26.29
CA VAL L 11 -6.37 -9.33 -26.45
C VAL L 11 -5.67 -9.24 -25.10
N GLN L 12 -4.35 -9.40 -25.10
CA GLN L 12 -3.57 -9.38 -23.85
C GLN L 12 -3.45 -8.01 -23.21
N ARG L 13 -3.24 -7.96 -21.89
CA ARG L 13 -3.04 -6.68 -21.19
C ARG L 13 -1.63 -6.21 -21.61
N PRO L 14 -1.35 -4.91 -21.52
CA PRO L 14 -0.03 -4.38 -21.92
C PRO L 14 1.21 -5.16 -21.48
N LEU L 15 1.37 -5.38 -20.18
CA LEU L 15 2.57 -6.09 -19.71
C LEU L 15 2.60 -7.56 -20.07
N ASP L 16 1.45 -8.11 -20.40
CA ASP L 16 1.43 -9.53 -20.80
C ASP L 16 1.83 -9.54 -22.27
N ALA L 17 1.30 -8.61 -23.05
CA ALA L 17 1.64 -8.48 -24.47
C ALA L 17 3.16 -8.25 -24.68
N LEU L 18 3.79 -7.54 -23.75
CA LEU L 18 5.23 -7.25 -23.81
C LEU L 18 6.01 -8.56 -23.87
N GLY L 19 5.40 -9.61 -23.33
CA GLY L 19 6.02 -10.92 -23.27
C GLY L 19 6.33 -11.49 -24.63
N ASN L 20 5.52 -11.11 -25.63
CA ASN L 20 5.69 -11.57 -27.01
C ASN L 20 6.98 -11.00 -27.62
N SER L 21 7.52 -9.96 -27.00
CA SER L 21 8.74 -9.38 -27.53
C SER L 21 10.00 -9.99 -26.94
N LEU L 22 9.89 -10.93 -26.02
CA LEU L 22 11.11 -11.50 -25.43
C LEU L 22 11.97 -12.11 -26.53
N ASN L 23 13.28 -11.83 -26.43
CA ASN L 23 14.30 -12.27 -27.35
C ASN L 23 14.20 -11.65 -28.72
N SER L 24 13.54 -10.50 -28.78
CA SER L 24 13.41 -9.76 -30.04
C SER L 24 14.02 -8.37 -29.88
N PRO L 25 14.44 -7.77 -31.00
CA PRO L 25 15.01 -6.42 -30.91
C PRO L 25 13.88 -5.42 -30.63
N VAL L 26 14.15 -4.51 -29.72
CA VAL L 26 13.19 -3.47 -29.35
C VAL L 26 13.94 -2.15 -29.27
N ILE L 27 13.17 -1.07 -29.27
CA ILE L 27 13.68 0.28 -29.15
C ILE L 27 12.95 0.85 -27.94
N ILE L 28 13.73 1.47 -27.05
CA ILE L 28 13.22 2.07 -25.83
C ILE L 28 13.53 3.56 -25.88
N LYS L 29 12.50 4.39 -25.80
CA LYS L 29 12.68 5.84 -25.78
C LYS L 29 12.47 6.24 -24.30
N LEU L 30 13.43 6.94 -23.71
CA LEU L 30 13.31 7.36 -22.32
C LEU L 30 12.93 8.83 -22.11
N LYS L 31 12.55 9.16 -20.87
CA LYS L 31 12.19 10.53 -20.51
C LYS L 31 13.50 11.33 -20.62
N GLY L 32 13.47 12.44 -21.34
CA GLY L 32 14.69 13.23 -21.49
C GLY L 32 15.30 13.01 -22.86
N ASP L 33 14.62 12.21 -23.67
CA ASP L 33 14.99 11.86 -25.04
C ASP L 33 16.07 10.83 -25.37
N ARG L 34 16.74 10.26 -24.35
CA ARG L 34 17.73 9.25 -24.64
C ARG L 34 16.95 8.15 -25.39
N GLU L 35 17.69 7.22 -25.99
CA GLU L 35 17.05 6.13 -26.71
C GLU L 35 17.97 4.93 -26.68
N PHE L 36 17.41 3.75 -26.45
CA PHE L 36 18.21 2.53 -26.44
C PHE L 36 17.59 1.54 -27.38
N ARG L 37 18.43 0.67 -27.91
CA ARG L 37 17.94 -0.35 -28.80
C ARG L 37 18.68 -1.57 -28.27
N GLY L 38 18.13 -2.75 -28.46
CA GLY L 38 18.76 -3.96 -27.98
C GLY L 38 17.77 -5.09 -28.06
N VAL L 39 18.16 -6.26 -27.54
CA VAL L 39 17.28 -7.42 -27.55
C VAL L 39 16.61 -7.58 -26.18
N LEU L 40 15.29 -7.54 -26.14
CA LEU L 40 14.58 -7.69 -24.86
C LEU L 40 14.85 -9.08 -24.25
N LYS L 41 15.46 -9.12 -23.06
CA LYS L 41 15.74 -10.39 -22.36
C LYS L 41 14.73 -10.72 -21.23
N SER L 42 14.32 -9.72 -20.47
CA SER L 42 13.33 -9.93 -19.41
C SER L 42 12.79 -8.58 -18.91
N PHE L 43 11.75 -8.62 -18.09
CA PHE L 43 11.16 -7.41 -17.56
C PHE L 43 10.35 -7.81 -16.31
N ASP L 44 9.93 -6.80 -15.53
CA ASP L 44 9.11 -7.02 -14.36
C ASP L 44 7.92 -6.05 -14.35
N LEU L 45 7.07 -6.16 -13.31
CA LEU L 45 5.89 -5.34 -13.26
C LEU L 45 6.08 -3.83 -13.13
N HIS L 46 7.29 -3.37 -12.80
CA HIS L 46 7.57 -1.92 -12.71
C HIS L 46 8.01 -1.44 -14.09
N MET L 47 8.13 -2.39 -15.00
CA MET L 47 8.59 -2.17 -16.35
C MET L 47 10.13 -2.03 -16.39
N ASN L 48 10.79 -2.53 -15.35
CA ASN L 48 12.24 -2.59 -15.35
C ASN L 48 12.52 -3.57 -16.48
N LEU L 49 13.63 -3.38 -17.21
CA LEU L 49 13.96 -4.25 -18.33
C LEU L 49 15.41 -4.68 -18.31
N VAL L 50 15.72 -5.82 -18.93
CA VAL L 50 17.11 -6.22 -19.14
C VAL L 50 17.23 -6.32 -20.67
N LEU L 51 18.25 -5.71 -21.25
CA LEU L 51 18.48 -5.76 -22.71
C LEU L 51 19.85 -6.33 -23.03
N ASN L 52 19.91 -7.12 -24.10
CA ASN L 52 21.15 -7.74 -24.60
C ASN L 52 21.66 -6.92 -25.80
N ASP L 53 22.98 -6.87 -25.99
CA ASP L 53 23.54 -6.13 -27.13
C ASP L 53 22.97 -4.74 -27.23
N ALA L 54 22.91 -4.03 -26.10
CA ALA L 54 22.32 -2.72 -26.06
C ALA L 54 23.18 -1.56 -26.55
N GLU L 55 22.50 -0.55 -27.09
CA GLU L 55 23.19 0.62 -27.57
C GLU L 55 22.37 1.85 -27.27
N GLU L 56 23.08 2.93 -26.98
CA GLU L 56 22.45 4.21 -26.71
C GLU L 56 22.58 5.01 -27.99
N LEU L 57 21.46 5.48 -28.51
CA LEU L 57 21.46 6.28 -29.72
C LEU L 57 21.13 7.69 -29.32
N GLU L 58 21.53 8.61 -30.17
CA GLU L 58 21.29 10.01 -29.93
C GLU L 58 21.24 10.65 -31.30
N ASP L 59 20.20 11.46 -31.51
CA ASP L 59 20.04 12.15 -32.78
C ASP L 59 19.89 11.16 -33.93
N GLY L 60 20.36 9.92 -33.73
CA GLY L 60 20.26 8.90 -34.77
C GLY L 60 21.40 7.89 -34.88
N GLU L 61 22.57 8.27 -34.36
CA GLU L 61 23.75 7.40 -34.44
C GLU L 61 24.04 6.79 -33.07
N VAL L 62 24.71 5.66 -33.06
CA VAL L 62 25.06 5.01 -31.81
C VAL L 62 26.07 5.87 -31.09
N THR L 63 25.76 6.21 -29.84
CA THR L 63 26.66 7.03 -29.05
C THR L 63 27.36 6.21 -28.00
N ARG L 64 26.88 5.00 -27.78
CA ARG L 64 27.48 4.15 -26.76
C ARG L 64 27.00 2.70 -26.81
N ARG L 65 27.96 1.77 -26.73
CA ARG L 65 27.64 0.37 -26.72
C ARG L 65 27.75 -0.01 -25.26
N LEU L 66 26.66 -0.58 -24.73
CA LEU L 66 26.56 -0.95 -23.32
C LEU L 66 26.60 -2.44 -23.04
N GLY L 67 26.32 -3.26 -24.04
CA GLY L 67 26.31 -4.68 -23.79
C GLY L 67 24.99 -5.01 -23.12
N THR L 68 25.07 -5.63 -21.95
CA THR L 68 23.85 -6.00 -21.24
C THR L 68 23.53 -4.93 -20.23
N VAL L 69 22.34 -4.34 -20.29
CA VAL L 69 21.97 -3.34 -19.31
C VAL L 69 20.59 -3.57 -18.72
N LEU L 70 20.48 -3.08 -17.50
CA LEU L 70 19.23 -3.09 -16.74
C LEU L 70 18.74 -1.64 -16.81
N ILE L 71 17.53 -1.43 -17.30
CA ILE L 71 16.96 -0.07 -17.39
C ILE L 71 15.81 0.05 -16.38
N ARG L 72 15.93 1.05 -15.50
CA ARG L 72 14.89 1.26 -14.50
C ARG L 72 13.60 1.69 -15.19
N GLY L 73 12.50 1.04 -14.82
CA GLY L 73 11.24 1.31 -15.49
C GLY L 73 10.63 2.69 -15.51
N ASP L 74 10.83 3.47 -14.46
CA ASP L 74 10.21 4.79 -14.47
C ASP L 74 10.83 5.81 -15.41
N ASN L 75 11.87 5.43 -16.16
CA ASN L 75 12.48 6.34 -17.16
C ASN L 75 11.87 6.16 -18.53
N ILE L 76 11.06 5.12 -18.68
CA ILE L 76 10.51 4.79 -19.97
C ILE L 76 9.34 5.61 -20.44
N VAL L 77 9.39 6.00 -21.72
CA VAL L 77 8.28 6.72 -22.34
C VAL L 77 7.56 5.64 -23.15
N TYR L 78 8.27 4.94 -24.01
CA TYR L 78 7.60 3.88 -24.76
C TYR L 78 8.55 2.82 -25.25
N ILE L 79 7.98 1.65 -25.56
CA ILE L 79 8.74 0.53 -26.09
C ILE L 79 8.12 0.08 -27.41
N SER L 80 8.96 -0.07 -28.43
CA SER L 80 8.48 -0.53 -29.74
C SER L 80 9.45 -1.56 -30.33
N ARG L 81 9.04 -2.17 -31.44
CA ARG L 81 9.86 -3.18 -32.09
C ARG L 81 11.04 -2.59 -32.86
N GLY L 82 12.18 -3.25 -32.75
CA GLY L 82 13.36 -2.77 -33.43
C GLY L 82 13.62 -3.40 -34.80
N LYS L 83 14.85 -3.23 -35.28
CA LYS L 83 15.28 -3.75 -36.58
C LYS L 83 14.91 -2.73 -37.67
N VAL M 11 -19.91 1.43 -18.21
CA VAL M 11 -18.64 2.15 -18.40
C VAL M 11 -18.69 3.61 -17.95
N GLN M 12 -19.24 3.86 -16.76
CA GLN M 12 -19.33 5.23 -16.27
C GLN M 12 -17.93 5.73 -15.85
N ARG M 13 -17.21 4.99 -15.02
CA ARG M 13 -15.86 5.45 -14.58
C ARG M 13 -14.89 5.58 -15.77
N PRO M 14 -13.95 6.54 -15.70
CA PRO M 14 -12.98 6.75 -16.79
C PRO M 14 -12.32 5.50 -17.43
N LEU M 15 -11.68 4.68 -16.62
CA LEU M 15 -11.02 3.50 -17.15
C LEU M 15 -11.97 2.47 -17.76
N ASP M 16 -13.20 2.43 -17.28
CA ASP M 16 -14.17 1.52 -17.87
C ASP M 16 -14.64 2.16 -19.19
N ALA M 17 -14.84 3.48 -19.21
CA ALA M 17 -15.27 4.14 -20.44
C ALA M 17 -14.22 4.00 -21.57
N LEU M 18 -12.94 4.01 -21.20
CA LEU M 18 -11.85 3.87 -22.16
C LEU M 18 -12.02 2.57 -22.94
N GLY M 19 -12.64 1.57 -22.31
CA GLY M 19 -12.87 0.32 -23.02
C GLY M 19 -13.71 0.48 -24.28
N ASN M 20 -14.59 1.48 -24.34
CA ASN M 20 -15.41 1.65 -25.54
C ASN M 20 -14.54 2.04 -26.72
N SER M 21 -13.32 2.46 -26.44
CA SER M 21 -12.44 2.89 -27.51
C SER M 21 -11.50 1.80 -28.03
N LEU M 22 -11.53 0.61 -27.43
CA LEU M 22 -10.68 -0.45 -27.94
C LEU M 22 -10.96 -0.59 -29.43
N ASN M 23 -9.91 -0.75 -30.22
CA ASN M 23 -10.02 -0.85 -31.67
C ASN M 23 -10.52 0.40 -32.41
N SER M 24 -10.34 1.56 -31.80
CA SER M 24 -10.70 2.83 -32.41
C SER M 24 -9.42 3.66 -32.49
N PRO M 25 -9.38 4.62 -33.42
CA PRO M 25 -8.22 5.51 -33.58
C PRO M 25 -8.22 6.48 -32.41
N VAL M 26 -7.06 6.70 -31.78
CA VAL M 26 -7.02 7.63 -30.66
C VAL M 26 -5.83 8.54 -30.78
N ILE M 27 -5.83 9.62 -30.02
CA ILE M 27 -4.72 10.53 -30.04
C ILE M 27 -4.20 10.56 -28.61
N ILE M 28 -2.91 10.29 -28.40
CA ILE M 28 -2.36 10.30 -27.05
C ILE M 28 -1.40 11.49 -26.90
N LYS M 29 -1.69 12.40 -25.99
CA LYS M 29 -0.81 13.54 -25.77
C LYS M 29 0.07 13.23 -24.57
N LEU M 30 1.38 13.24 -24.77
CA LEU M 30 2.32 12.95 -23.68
C LEU M 30 2.95 14.16 -23.02
N LYS M 31 3.46 13.93 -21.81
CA LYS M 31 4.15 14.94 -21.00
C LYS M 31 5.29 15.47 -21.90
N GLY M 32 5.50 16.77 -21.88
CA GLY M 32 6.56 17.29 -22.73
C GLY M 32 5.92 17.86 -24.00
N ASP M 33 5.01 17.10 -24.61
CA ASP M 33 4.29 17.49 -25.81
C ASP M 33 4.41 16.56 -27.01
N ARG M 34 5.05 15.42 -26.78
CA ARG M 34 5.15 14.43 -27.83
C ARG M 34 3.69 14.04 -28.06
N GLU M 35 3.36 13.58 -29.25
CA GLU M 35 2.01 13.18 -29.54
C GLU M 35 2.00 11.94 -30.41
N PHE M 36 1.10 11.02 -30.11
CA PHE M 36 0.97 9.79 -30.89
C PHE M 36 -0.47 9.59 -31.32
N ARG M 37 -0.63 8.87 -32.41
CA ARG M 37 -1.93 8.54 -32.93
C ARG M 37 -1.79 7.09 -33.29
N GLY M 38 -2.89 6.36 -33.25
CA GLY M 38 -2.85 4.94 -33.56
C GLY M 38 -4.12 4.23 -33.11
N VAL M 39 -4.18 2.93 -33.26
CA VAL M 39 -5.38 2.21 -32.86
C VAL M 39 -5.23 1.63 -31.45
N LEU M 40 -6.09 2.05 -30.52
CA LEU M 40 -6.00 1.53 -29.14
C LEU M 40 -6.29 0.01 -29.11
N LYS M 41 -5.31 -0.80 -28.71
CA LYS M 41 -5.54 -2.24 -28.65
C LYS M 41 -5.80 -2.74 -27.22
N SER M 42 -5.12 -2.16 -26.24
CA SER M 42 -5.38 -2.54 -24.84
C SER M 42 -4.79 -1.51 -23.87
N PHE M 43 -5.09 -1.67 -22.59
CA PHE M 43 -4.58 -0.80 -21.55
C PHE M 43 -4.74 -1.53 -20.25
N ASP M 44 -4.16 -0.97 -19.19
CA ASP M 44 -4.30 -1.53 -17.86
C ASP M 44 -4.60 -0.42 -16.86
N LEU M 45 -4.66 -0.78 -15.57
CA LEU M 45 -5.01 0.18 -14.53
C LEU M 45 -4.05 1.27 -14.24
N HIS M 46 -2.86 1.21 -14.83
CA HIS M 46 -1.88 2.30 -14.65
C HIS M 46 -2.02 3.21 -15.84
N MET M 47 -2.87 2.82 -16.78
CA MET M 47 -3.05 3.56 -18.04
C MET M 47 -1.91 3.27 -19.06
N ASN M 48 -1.16 2.21 -18.81
CA ASN M 48 -0.12 1.78 -19.77
C ASN M 48 -1.00 1.38 -20.94
N LEU M 49 -0.53 1.55 -22.17
CA LEU M 49 -1.36 1.11 -23.26
C LEU M 49 -0.61 0.58 -24.45
N VAL M 50 -1.34 -0.17 -25.29
CA VAL M 50 -0.78 -0.67 -26.52
C VAL M 50 -1.56 -0.14 -27.74
N LEU M 51 -0.83 0.44 -28.69
CA LEU M 51 -1.44 0.94 -29.94
C LEU M 51 -0.88 0.20 -31.14
N ASN M 52 -1.71 0.04 -32.14
CA ASN M 52 -1.32 -0.57 -33.40
C ASN M 52 -1.19 0.60 -34.39
N ASP M 53 -0.37 0.43 -35.43
CA ASP M 53 -0.15 1.44 -36.47
C ASP M 53 0.08 2.80 -35.87
N ALA M 54 1.05 2.87 -34.97
CA ALA M 54 1.35 4.11 -34.27
C ALA M 54 2.26 5.04 -35.05
N GLU M 55 1.95 6.32 -34.99
CA GLU M 55 2.69 7.38 -35.66
C GLU M 55 2.98 8.49 -34.66
N GLU M 56 4.25 8.86 -34.55
CA GLU M 56 4.61 9.94 -33.67
C GLU M 56 4.38 11.16 -34.54
N LEU M 57 3.78 12.20 -33.98
CA LEU M 57 3.52 13.41 -34.74
C LEU M 57 4.23 14.58 -34.11
N GLU M 58 5.17 15.14 -34.85
CA GLU M 58 5.96 16.26 -34.38
C GLU M 58 5.35 17.58 -34.85
N ASP M 59 5.15 18.50 -33.90
CA ASP M 59 4.61 19.84 -34.16
C ASP M 59 3.17 19.85 -34.71
N GLY M 60 2.87 18.90 -35.59
CA GLY M 60 1.55 18.81 -36.18
C GLY M 60 1.65 17.94 -37.41
N GLU M 61 2.74 17.18 -37.50
CA GLU M 61 2.98 16.29 -38.62
C GLU M 61 3.88 15.10 -38.22
N VAL M 62 3.65 13.94 -38.85
CA VAL M 62 4.39 12.69 -38.56
C VAL M 62 5.89 12.82 -38.23
N THR M 63 6.51 11.71 -37.83
CA THR M 63 7.92 11.73 -37.48
C THR M 63 8.52 10.34 -37.25
N ARG M 64 7.65 9.36 -37.04
CA ARG M 64 8.08 7.98 -36.82
C ARG M 64 6.90 7.04 -36.98
N ARG M 65 7.09 6.00 -37.77
CA ARG M 65 6.07 4.96 -37.99
C ARG M 65 6.63 3.86 -37.10
N LEU M 66 6.09 3.79 -35.87
CA LEU M 66 6.55 2.82 -34.89
C LEU M 66 5.96 1.41 -34.98
N GLY M 67 4.84 1.27 -35.68
CA GLY M 67 4.21 -0.04 -35.72
C GLY M 67 3.48 -0.18 -34.38
N THR M 68 3.61 -1.33 -33.72
CA THR M 68 2.94 -1.53 -32.45
C THR M 68 3.84 -1.01 -31.35
N VAL M 69 3.26 -0.24 -30.44
CA VAL M 69 4.01 0.39 -29.35
C VAL M 69 3.30 0.28 -27.98
N LEU M 70 4.11 0.19 -26.94
CA LEU M 70 3.63 0.16 -25.55
C LEU M 70 4.06 1.51 -24.95
N ILE M 71 3.08 2.27 -24.47
CA ILE M 71 3.34 3.59 -23.88
C ILE M 71 3.14 3.45 -22.36
N ARG M 72 4.10 3.94 -21.60
CA ARG M 72 4.01 3.85 -20.16
C ARG M 72 3.00 4.87 -19.69
N GLY M 73 1.99 4.39 -18.95
CA GLY M 73 0.95 5.26 -18.50
C GLY M 73 1.30 6.59 -17.84
N ASP M 74 2.34 6.63 -17.00
CA ASP M 74 2.64 7.88 -16.30
C ASP M 74 3.10 9.06 -17.14
N ASN M 75 3.31 8.81 -18.44
CA ASN M 75 3.73 9.84 -19.40
C ASN M 75 2.53 10.53 -20.03
N ILE M 76 1.35 9.96 -19.82
CA ILE M 76 0.15 10.50 -20.44
C ILE M 76 -0.47 11.76 -19.84
N VAL M 77 -0.81 12.73 -20.71
CA VAL M 77 -1.55 13.94 -20.28
C VAL M 77 -3.05 13.64 -20.61
N TYR M 78 -3.36 13.34 -21.86
CA TYR M 78 -4.75 13.00 -22.22
C TYR M 78 -4.86 12.02 -23.38
N ILE M 79 -6.06 11.47 -23.58
CA ILE M 79 -6.29 10.54 -24.65
C ILE M 79 -7.58 11.07 -25.28
N SER M 80 -7.61 11.22 -26.61
CA SER M 80 -8.83 11.69 -27.28
C SER M 80 -9.10 10.83 -28.51
N ARG M 81 -10.25 11.03 -29.12
CA ARG M 81 -10.62 10.29 -30.31
C ARG M 81 -9.96 10.89 -31.54
N GLY M 82 -9.45 10.01 -32.41
CA GLY M 82 -8.83 10.43 -33.64
C GLY M 82 -9.74 10.11 -34.82
N LYS M 83 -9.17 10.04 -36.01
CA LYS M 83 -9.96 9.75 -37.23
C LYS M 83 -9.12 9.11 -38.32
N ASN N 10 -22.58 19.48 7.62
CA ASN N 10 -22.24 18.45 6.58
C ASN N 10 -21.63 19.05 5.32
N VAL N 11 -20.32 19.05 5.26
CA VAL N 11 -19.62 19.53 4.07
C VAL N 11 -19.06 18.19 3.53
N GLN N 12 -19.27 17.92 2.24
CA GLN N 12 -18.73 16.69 1.66
C GLN N 12 -17.23 16.81 1.41
N ARG N 13 -16.56 15.68 1.38
CA ARG N 13 -15.13 15.66 1.08
C ARG N 13 -14.96 16.08 -0.38
N PRO N 14 -13.78 16.60 -0.76
CA PRO N 14 -13.48 17.06 -2.14
C PRO N 14 -13.95 16.12 -3.27
N LEU N 15 -13.52 14.86 -3.26
CA LEU N 15 -13.91 13.92 -4.30
C LEU N 15 -15.39 13.55 -4.38
N ASP N 16 -16.12 13.67 -3.27
CA ASP N 16 -17.55 13.42 -3.30
C ASP N 16 -18.23 14.71 -3.77
N ALA N 17 -17.69 15.86 -3.34
CA ALA N 17 -18.25 17.13 -3.81
C ALA N 17 -18.13 17.23 -5.35
N LEU N 18 -17.11 16.59 -5.92
CA LEU N 18 -16.87 16.65 -7.37
C LEU N 18 -18.07 16.07 -8.12
N GLY N 19 -18.75 15.13 -7.46
CA GLY N 19 -19.92 14.51 -8.05
C GLY N 19 -21.01 15.50 -8.40
N ASN N 20 -21.06 16.60 -7.67
CA ASN N 20 -22.06 17.63 -7.90
C ASN N 20 -21.83 18.37 -9.22
N SER N 21 -20.66 18.16 -9.83
CA SER N 21 -20.33 18.85 -11.10
C SER N 21 -20.50 17.99 -12.34
N LEU N 22 -20.93 16.74 -12.16
CA LEU N 22 -21.17 15.90 -13.33
C LEU N 22 -22.23 16.63 -14.15
N ASN N 23 -22.05 16.62 -15.45
CA ASN N 23 -22.90 17.30 -16.41
C ASN N 23 -22.89 18.83 -16.34
N SER N 24 -21.89 19.38 -15.64
CA SER N 24 -21.66 20.81 -15.55
C SER N 24 -20.43 21.18 -16.41
N PRO N 25 -20.38 22.43 -16.91
CA PRO N 25 -19.22 22.83 -17.71
C PRO N 25 -18.14 23.12 -16.67
N VAL N 26 -16.90 22.81 -16.97
CA VAL N 26 -15.81 23.08 -16.02
C VAL N 26 -14.54 23.57 -16.74
N ILE N 27 -13.64 24.16 -15.95
CA ILE N 27 -12.34 24.67 -16.40
C ILE N 27 -11.30 23.83 -15.65
N ILE N 28 -10.41 23.13 -16.38
CA ILE N 28 -9.35 22.28 -15.81
C ILE N 28 -7.97 22.92 -16.12
N LYS N 29 -7.14 23.07 -15.11
CA LYS N 29 -5.80 23.62 -15.31
C LYS N 29 -4.82 22.48 -15.03
N LEU N 30 -3.91 22.20 -15.95
CA LEU N 30 -2.93 21.13 -15.76
C LEU N 30 -1.54 21.65 -15.41
N LYS N 31 -0.67 20.74 -14.98
CA LYS N 31 0.70 21.10 -14.64
C LYS N 31 1.36 21.51 -15.97
N GLY N 32 2.01 22.67 -16.01
CA GLY N 32 2.58 23.08 -17.29
C GLY N 32 1.72 24.18 -17.89
N ASP N 33 0.58 24.43 -17.26
CA ASP N 33 -0.31 25.48 -17.71
C ASP N 33 -1.17 25.22 -18.92
N ARG N 34 -1.28 23.97 -19.32
CA ARG N 34 -2.15 23.63 -20.42
C ARG N 34 -3.57 23.75 -19.78
N GLU N 35 -4.54 24.32 -20.48
CA GLU N 35 -5.88 24.49 -19.92
C GLU N 35 -6.95 23.85 -20.83
N PHE N 36 -8.01 23.33 -20.21
CA PHE N 36 -9.11 22.70 -20.90
C PHE N 36 -10.45 23.13 -20.36
N ARG N 37 -11.44 23.13 -21.23
CA ARG N 37 -12.80 23.41 -20.76
C ARG N 37 -13.68 22.37 -21.45
N GLY N 38 -14.72 21.93 -20.76
CA GLY N 38 -15.57 20.90 -21.33
C GLY N 38 -16.62 20.56 -20.31
N VAL N 39 -17.51 19.64 -20.69
CA VAL N 39 -18.57 19.19 -19.79
C VAL N 39 -18.03 17.96 -19.05
N LEU N 40 -18.08 18.01 -17.73
CA LEU N 40 -17.54 16.88 -16.91
C LEU N 40 -18.51 15.68 -16.96
N LYS N 41 -18.07 14.55 -17.50
CA LYS N 41 -18.91 13.35 -17.63
C LYS N 41 -18.69 12.32 -16.53
N SER N 42 -17.44 12.14 -16.12
CA SER N 42 -17.15 11.19 -15.04
C SER N 42 -15.74 11.40 -14.50
N PHE N 43 -15.46 10.72 -13.39
CA PHE N 43 -14.14 10.84 -12.77
C PHE N 43 -13.97 9.67 -11.81
N ASP N 44 -12.74 9.44 -11.35
CA ASP N 44 -12.45 8.36 -10.39
C ASP N 44 -11.59 8.89 -9.24
N LEU N 45 -11.18 8.01 -8.34
CA LEU N 45 -10.39 8.43 -7.18
C LEU N 45 -8.99 8.99 -7.48
N HIS N 46 -8.47 8.70 -8.66
CA HIS N 46 -7.17 9.22 -9.06
C HIS N 46 -7.36 10.62 -9.62
N MET N 47 -8.61 10.97 -9.81
CA MET N 47 -8.99 12.26 -10.38
C MET N 47 -8.87 12.22 -11.90
N ASN N 48 -8.80 11.01 -12.48
CA ASN N 48 -8.84 10.88 -13.95
C ASN N 48 -10.23 11.41 -14.25
N LEU N 49 -10.37 12.12 -15.36
CA LEU N 49 -11.66 12.74 -15.71
C LEU N 49 -12.00 12.47 -17.15
N VAL N 50 -13.29 12.44 -17.45
CA VAL N 50 -13.74 12.33 -18.85
C VAL N 50 -14.55 13.63 -19.11
N LEU N 51 -14.22 14.35 -20.19
CA LEU N 51 -14.93 15.60 -20.53
C LEU N 51 -15.53 15.48 -21.91
N ASN N 52 -16.75 16.01 -22.09
CA ASN N 52 -17.43 16.03 -23.39
C ASN N 52 -17.28 17.45 -23.96
N ASP N 53 -17.36 17.60 -25.28
CA ASP N 53 -17.22 18.89 -25.95
C ASP N 53 -16.00 19.65 -25.45
N ALA N 54 -14.89 18.94 -25.30
CA ALA N 54 -13.68 19.56 -24.77
C ALA N 54 -12.83 20.40 -25.77
N GLU N 55 -12.22 21.44 -25.26
CA GLU N 55 -11.34 22.20 -26.11
C GLU N 55 -10.14 22.67 -25.30
N GLU N 56 -9.00 22.75 -25.96
CA GLU N 56 -7.81 23.22 -25.31
C GLU N 56 -7.71 24.72 -25.48
N LEU N 57 -7.34 25.39 -24.40
CA LEU N 57 -7.18 26.84 -24.37
C LEU N 57 -5.74 27.23 -24.13
N GLU N 58 -5.34 28.30 -24.79
CA GLU N 58 -4.00 28.87 -24.63
C GLU N 58 -4.26 30.37 -24.77
N ASP N 59 -4.18 31.08 -23.64
CA ASP N 59 -4.43 32.53 -23.58
C ASP N 59 -5.85 32.95 -23.93
N GLY N 60 -6.83 32.22 -23.41
CA GLY N 60 -8.23 32.57 -23.67
C GLY N 60 -8.65 32.34 -25.09
N GLU N 61 -7.77 31.71 -25.86
CA GLU N 61 -8.01 31.39 -27.25
C GLU N 61 -8.16 29.87 -27.34
N VAL N 62 -9.10 29.38 -28.14
CA VAL N 62 -9.24 27.93 -28.29
C VAL N 62 -8.20 27.42 -29.29
N THR N 63 -7.26 26.61 -28.84
CA THR N 63 -6.25 26.11 -29.76
C THR N 63 -6.52 24.72 -30.29
N ARG N 64 -7.46 24.01 -29.68
CA ARG N 64 -7.75 22.67 -30.16
C ARG N 64 -9.13 22.16 -29.71
N ARG N 65 -9.91 21.61 -30.65
CA ARG N 65 -11.24 21.08 -30.33
C ARG N 65 -11.00 19.57 -30.31
N LEU N 66 -11.20 18.98 -29.14
CA LEU N 66 -10.89 17.57 -28.92
C LEU N 66 -12.06 16.59 -28.84
N GLY N 67 -13.27 17.11 -28.58
CA GLY N 67 -14.44 16.24 -28.47
C GLY N 67 -14.48 15.59 -27.08
N THR N 68 -14.52 14.28 -27.03
CA THR N 68 -14.56 13.63 -25.73
C THR N 68 -13.13 13.26 -25.42
N VAL N 69 -12.69 13.61 -24.20
CA VAL N 69 -11.31 13.36 -23.77
C VAL N 69 -11.20 12.75 -22.38
N LEU N 70 -10.16 11.97 -22.18
CA LEU N 70 -9.84 11.35 -20.88
C LEU N 70 -8.55 12.05 -20.44
N ILE N 71 -8.57 12.72 -19.28
CA ILE N 71 -7.39 13.42 -18.77
C ILE N 71 -6.89 12.62 -17.58
N ARG N 72 -5.59 12.26 -17.59
CA ARG N 72 -5.01 11.52 -16.46
C ARG N 72 -4.89 12.46 -15.25
N GLY N 73 -5.43 12.02 -14.13
CA GLY N 73 -5.49 12.85 -12.95
C GLY N 73 -4.22 13.42 -12.31
N ASP N 74 -3.09 12.72 -12.44
CA ASP N 74 -1.91 13.31 -11.82
C ASP N 74 -1.42 14.59 -12.49
N ASN N 75 -1.99 14.96 -13.64
CA ASN N 75 -1.61 16.21 -14.36
C ASN N 75 -2.36 17.45 -13.87
N ILE N 76 -3.41 17.23 -13.09
CA ILE N 76 -4.28 18.30 -12.66
C ILE N 76 -3.82 19.23 -11.57
N VAL N 77 -4.02 20.53 -11.82
CA VAL N 77 -3.73 21.51 -10.79
C VAL N 77 -5.05 21.83 -10.09
N TYR N 78 -6.06 22.24 -10.87
CA TYR N 78 -7.38 22.52 -10.29
C TYR N 78 -8.52 22.24 -11.29
N ILE N 79 -9.74 22.13 -10.76
CA ILE N 79 -10.94 21.92 -11.55
C ILE N 79 -11.86 23.02 -11.05
N SER N 80 -12.27 23.91 -11.94
CA SER N 80 -13.10 25.02 -11.48
C SER N 80 -14.47 25.04 -12.15
N ARG N 81 -15.47 25.45 -11.38
CA ARG N 81 -16.85 25.48 -11.86
C ARG N 81 -17.41 26.89 -11.88
N GLY N 82 -17.45 27.47 -10.67
CA GLY N 82 -18.00 28.79 -10.40
C GLY N 82 -17.60 30.01 -11.20
N LYS N 83 -17.29 29.83 -12.48
CA LYS N 83 -16.91 30.96 -13.34
C LYS N 83 -18.17 31.74 -13.78
OP3 U O . -0.82 -2.16 10.80
P U O . -1.87 -2.74 9.63
OP1 U O . -3.08 -3.47 10.15
OP2 U O . -2.47 -1.54 9.00
O5' U O . -0.88 -3.52 8.60
C5' U O . -0.12 -4.72 8.93
C4' U O . -0.83 -6.00 9.46
O4' U O . 0.27 -6.77 10.05
C3' U O . -1.82 -5.94 10.61
O3' U O . -2.57 -7.16 10.87
C2' U O . -0.84 -5.59 11.73
O2' U O . -1.38 -5.68 13.07
C1' U O . 0.31 -6.55 11.46
N1 U O . 1.67 -6.13 11.92
C2 U O . 1.92 -6.07 13.32
O2 U O . 1.05 -6.34 14.11
N3 U O . 3.20 -5.69 13.67
C4 U O . 4.25 -5.36 12.80
O4 U O . 5.33 -5.04 13.29
C5 U O . 3.91 -5.44 11.40
C6 U O . 2.69 -5.81 11.02
C1 MPD P . -4.82 3.88 29.25
C2 MPD P . -5.05 4.43 27.87
O2 MPD P . -3.75 4.58 27.24
CM MPD P . -5.91 3.51 27.09
C3 MPD P . -5.69 5.83 27.90
C4 MPD P . -5.39 6.75 26.72
O4 MPD P . -5.82 6.16 25.51
C5 MPD P . -6.07 8.09 26.90
N1 URI Q . -5.73 -1.61 11.99
C2 URI Q . -6.20 -1.57 13.38
N3 URI Q . -5.29 -0.98 14.27
C4 URI Q . -4.01 -0.44 13.97
C5 URI Q . -3.60 -0.54 12.58
C6 URI Q . -4.44 -1.09 11.68
O2 URI Q . -7.30 -1.98 13.78
O4 URI Q . -3.33 0.05 14.88
C1' URI Q . -6.63 -2.23 10.90
C2' URI Q . -6.04 -2.35 9.48
C3' URI Q . -6.01 -3.87 9.16
C4' URI Q . -6.60 -4.58 10.41
O2' URI Q . -6.81 -1.57 8.52
O3' URI Q . -6.72 -4.26 8.00
O4' URI Q . -6.93 -3.53 11.38
C5' URI Q . -5.63 -5.56 11.11
O5' URI Q . -5.20 -6.66 10.28
C1 MPD R . -24.15 8.09 12.70
C2 MPD R . -23.39 7.39 13.79
O2 MPD R . -22.86 6.19 13.21
CM MPD R . -22.29 8.23 14.32
C3 MPD R . -24.29 7.01 14.97
C4 MPD R . -24.02 5.68 15.62
O4 MPD R . -22.72 5.61 16.14
C5 MPD R . -24.98 5.45 16.76
N1 URI S . -11.40 -2.47 6.95
C2 URI S . -12.84 -2.32 7.25
N3 URI S . -13.17 -1.08 7.77
C4 URI S . -12.30 0.03 8.04
C5 URI S . -10.91 -0.17 7.71
C6 URI S . -10.53 -1.36 7.21
O2 URI S . -13.72 -3.16 7.08
O4 URI S . -12.78 1.05 8.52
C1' URI S . -10.84 -3.79 6.37
C2' URI S . -10.97 -3.99 4.88
C3' URI S . -9.54 -4.16 4.30
C4' URI S . -8.59 -4.03 5.52
O2' URI S . -11.81 -5.12 4.61
O3' URI S . -9.27 -5.38 3.62
O4' URI S . -9.44 -3.82 6.70
C5' URI S . -7.60 -2.84 5.44
O5' URI S . -6.68 -2.90 4.34
C1 MPD T . -28.76 -5.89 -3.74
C2 MPD T . -28.53 -4.41 -3.43
O2 MPD T . -29.67 -3.69 -3.98
CM MPD T . -28.49 -4.14 -1.97
C3 MPD T . -27.25 -3.83 -4.10
C4 MPD T . -26.97 -4.28 -5.56
O4 MPD T . -28.05 -3.89 -6.40
C5 MPD T . -25.71 -3.62 -6.12
OP3 U U . -7.64 -4.88 -3.01
P U U . -7.49 -6.48 -2.54
OP1 U U . -8.54 -7.45 -3.07
OP2 U U . -6.22 -6.94 -3.18
O5' U U . -7.29 -6.32 -0.94
C5' U U . -8.35 -5.91 -0.03
C4' U U . -8.81 -7.05 0.88
O4' U U . -10.11 -6.66 1.43
C3' U U . -9.06 -8.40 0.21
O3' U U . -9.00 -9.57 1.09
C2' U U . -10.47 -8.14 -0.36
O2' U U . -11.15 -9.32 -0.80
C1' U U . -11.16 -7.30 0.74
N1 U U . -12.25 -6.34 0.30
C2 U U . -13.41 -6.86 -0.31
O2 U U . -13.56 -8.06 -0.52
N3 U U . -14.35 -5.91 -0.67
C4 U U . -14.29 -4.53 -0.48
O4 U U . -15.24 -3.86 -0.86
C5 U U . -13.08 -4.08 0.16
C6 U U . -12.14 -4.95 0.52
C1 MPD V . -15.83 -16.85 -15.48
C2 MPD V . -15.68 -18.29 -15.08
O2 MPD V . -14.25 -18.47 -14.90
CM MPD V . -16.42 -18.59 -13.83
C3 MPD V . -16.13 -19.30 -16.17
C4 MPD V . -15.70 -18.93 -17.59
O4 MPD V . -14.30 -18.82 -17.67
C5 MPD V . -16.17 -19.99 -18.60
N1 URI W . -6.41 -11.75 -2.68
C2 URI W . -7.02 -12.92 -3.36
N3 URI W . -7.81 -12.59 -4.47
C4 URI W . -8.07 -11.29 -4.99
C5 URI W . -7.46 -10.19 -4.30
C6 URI W . -6.69 -10.45 -3.22
O2 URI W . -6.88 -14.09 -3.02
O4 URI W . -8.79 -11.18 -5.99
C1' URI W . -5.47 -11.90 -1.45
C2' URI W . -4.02 -11.43 -1.76
C3' URI W . -3.69 -10.27 -0.80
C4' URI W . -4.96 -10.08 0.06
O2' URI W . -3.08 -12.49 -1.67
O3' URI W . -2.51 -10.42 0.03
O4' URI W . -5.97 -11.08 -0.39
C5' URI W . -5.59 -8.69 -0.10
O5' URI W . -4.73 -7.60 0.27
C1 MPD X . 3.89 -28.26 -8.83
C2 MPD X . 3.57 -27.24 -9.90
O2 MPD X . 4.15 -27.77 -11.11
CM MPD X . 2.09 -27.07 -10.06
C3 MPD X . 4.21 -25.85 -9.63
C4 MPD X . 5.71 -25.83 -9.36
O4 MPD X . 6.43 -26.34 -10.46
C5 MPD X . 6.18 -24.44 -9.10
N1 URI Y . 0.31 -13.73 -0.15
C2 URI Y . 0.84 -15.07 -0.40
N3 URI Y . 0.93 -15.39 -1.76
C4 URI Y . 0.58 -14.59 -2.86
C5 URI Y . 0.06 -13.27 -2.55
C6 URI Y . -0.06 -12.90 -1.26
O2 URI Y . 1.20 -15.90 0.48
O4 URI Y . 0.73 -15.05 -4.00
C1' URI Y . 0.14 -13.25 1.31
C2' URI Y . 1.37 -13.55 2.17
C3' URI Y . 1.90 -12.21 2.70
C4' URI Y . 0.94 -11.14 2.15
O2' URI Y . 1.04 -14.48 3.20
O3' URI Y . 1.99 -12.11 4.10
O4' URI Y . -0.06 -11.83 1.31
C5' URI Y . 1.65 -10.04 1.38
O5' URI Y . 2.63 -9.39 2.20
C1 MPD Z . 15.51 -22.74 8.68
C2 MPD Z . 16.68 -22.37 7.82
O2 MPD Z . 17.38 -23.59 7.58
CM MPD Z . 16.24 -21.79 6.51
C3 MPD Z . 17.70 -21.47 8.55
C4 MPD Z . 17.92 -20.02 8.12
O4 MPD Z . 16.75 -19.25 8.22
C5 MPD Z . 18.98 -19.37 8.99
N1 URI AA . 4.05 -11.47 6.63
C2 URI AA . 4.87 -12.37 7.42
N3 URI AA . 6.01 -12.85 6.75
C4 URI AA . 6.42 -12.55 5.43
C5 URI AA . 5.57 -11.64 4.69
C6 URI AA . 4.47 -11.15 5.29
O2 URI AA . 4.63 -12.72 8.57
O4 URI AA . 7.47 -13.06 4.99
C1' URI AA . 2.79 -10.87 7.27
C2' URI AA . 2.03 -9.82 6.46
C3' URI AA . 0.57 -10.35 6.28
C4' URI AA . 0.55 -11.74 7.02
O2' URI AA . 2.11 -8.54 7.13
O3' URI AA . -0.45 -9.50 6.80
O4' URI AA . 1.90 -11.94 7.56
C5' URI AA . 0.19 -12.97 6.16
O5' URI AA . -1.11 -12.96 5.54
C1 MPD BA . 13.74 -6.87 22.53
C2 MPD BA . 12.62 -6.90 23.53
O2 MPD BA . 11.70 -5.82 23.15
CM MPD BA . 11.93 -8.23 23.49
C3 MPD BA . 13.04 -6.61 25.01
C4 MPD BA . 14.43 -6.03 25.27
O4 MPD BA . 14.60 -4.79 24.60
C5 MPD BA . 14.67 -5.81 26.76
OP3 U CA . -3.60 8.22 -6.00
P U CA . -2.56 7.24 -5.12
OP1 U CA . -3.07 6.71 -3.80
OP2 U CA . -2.39 6.00 -5.95
O5' U CA . -1.17 8.10 -5.09
C5' U CA . -1.11 9.33 -4.33
C4' U CA . -0.27 10.49 -4.89
O4' U CA . -1.20 11.26 -5.72
C3' U CA . 0.30 11.51 -3.92
O3' U CA . 1.43 12.31 -4.42
C2' U CA . -0.97 12.37 -3.67
O2' U CA . -0.73 13.67 -3.09
C1' U CA . -1.65 12.41 -5.03
N1 U CA . -3.15 12.48 -5.00
C2 U CA . -3.78 13.70 -4.66
O2 U CA . -3.12 14.70 -4.39
N3 U CA . -5.16 13.65 -4.67
C4 U CA . -5.97 12.54 -4.98
O4 U CA . -7.19 12.67 -4.95
C5 U CA . -5.25 11.36 -5.30
C6 U CA . -3.93 11.35 -5.30
C1 MPD DA . -4.64 27.71 7.77
C2 MPD DA . -4.19 27.30 9.15
O2 MPD DA . -2.79 27.61 9.18
CM MPD DA . -4.88 28.06 10.24
C3 MPD DA . -4.36 25.79 9.43
C4 MPD DA . -3.16 25.12 10.08
O4 MPD DA . -2.88 25.72 11.31
C5 MPD DA . -3.40 23.67 10.33
OP3 U EA . 0.08 11.86 -0.88
P U EA . -0.65 10.46 -0.35
OP1 U EA . -1.53 10.61 0.88
OP2 U EA . -1.61 10.13 -1.43
O5' U EA . 0.59 9.41 -0.33
C5' U EA . 1.64 9.52 0.66
C4' U EA . 3.03 10.06 0.24
O4' U EA . 2.77 11.45 -0.14
C3' U EA . 4.10 10.05 1.33
O3' U EA . 5.40 9.45 0.96
C2' U EA . 4.20 11.55 1.77
O2' U EA . 5.56 12.01 1.99
C1' U EA . 3.41 12.37 0.72
N1 U EA . 2.40 13.30 1.37
C2 U EA . 2.77 14.62 1.69
O2 U EA . 3.90 15.02 1.46
N3 U EA . 1.76 15.39 2.28
C4 U EA . 0.43 14.98 2.58
O4 U EA . -0.34 15.77 3.09
C5 U EA . 0.15 13.63 2.21
C6 U EA . 1.08 12.88 1.65
C1 MPD FA . 14.78 17.42 16.14
C2 MPD FA . 15.84 17.19 15.06
O2 MPD FA . 17.13 17.31 15.69
CM MPD FA . 15.74 15.84 14.44
C3 MPD FA . 15.80 18.24 13.94
C4 MPD FA . 15.71 19.68 14.43
O4 MPD FA . 16.81 20.00 15.25
C5 MPD FA . 15.67 20.65 13.28
N1 URI GA . 9.64 10.09 1.31
C2 URI GA . 10.73 10.64 2.09
N3 URI GA . 10.43 10.82 3.45
C4 URI GA . 9.20 10.54 4.11
C5 URI GA . 8.14 9.99 3.26
C6 URI GA . 8.39 9.78 1.95
O2 URI GA . 11.82 10.92 1.64
O4 URI GA . 9.11 10.77 5.30
C1' URI GA . 9.87 9.86 -0.18
C2' URI GA . 9.36 8.61 -0.82
C3' URI GA . 8.36 9.05 -1.92
C4' URI GA . 8.34 10.59 -1.87
O2' URI GA . 10.46 7.83 -1.33
O3' URI GA . 8.70 8.62 -3.24
O4' URI GA . 9.27 10.99 -0.81
C5' URI GA . 6.96 11.22 -1.56
O5' URI GA . 5.94 10.92 -2.53
C1 MPD HA . 29.31 4.68 1.84
C2 MPD HA . 28.71 4.69 3.23
O2 MPD HA . 29.75 4.28 4.10
CM MPD HA . 28.24 6.04 3.67
C3 MPD HA . 27.52 3.68 3.39
C4 MPD HA . 27.69 2.31 2.71
O4 MPD HA . 28.83 1.62 3.22
C5 MPD HA . 26.47 1.43 2.92
OP3 U IA . 9.65 3.40 -0.27
P U IA . 8.96 4.93 -0.30
OP1 U IA . 7.49 5.00 0.09
OP2 U IA . 9.65 5.71 0.77
O5' U IA . 9.38 5.45 -1.77
C5' U IA . 8.86 4.85 -2.99
C4' U IA . 9.91 4.43 -4.05
O4' U IA . 11.05 5.29 -3.74
C3' U IA . 10.44 2.99 -4.00
O3' U IA . 9.73 1.98 -4.80
C2' U IA . 11.90 3.21 -4.48
O2' U IA . 12.13 3.02 -5.88
C1' U IA . 12.27 4.61 -3.99
N1 U IA . 13.15 4.56 -2.78
C2 U IA . 14.52 4.63 -2.99
O2 U IA . 14.96 4.75 -4.12
N3 U IA . 15.30 4.55 -1.84
C4 U IA . 14.84 4.41 -0.52
O4 U IA . 15.66 4.36 0.37
C5 U IA . 13.42 4.34 -0.40
C6 U IA . 12.64 4.42 -1.47
C1 MPD JA . 23.49 -5.38 -14.90
C2 MPD JA . 23.22 -6.85 -15.14
O2 MPD JA . 23.47 -7.51 -13.88
CM MPD JA . 21.80 -7.09 -15.56
C3 MPD JA . 24.17 -7.46 -16.22
C4 MPD JA . 24.60 -8.92 -16.01
O4 MPD JA . 23.48 -9.79 -15.91
C5 MPD JA . 25.51 -9.41 -17.15
N1 URI KA . 9.96 1.62 -9.88
C2 URI KA . 10.92 1.28 -10.93
N3 URI KA . 11.83 0.30 -10.56
C4 URI KA . 11.94 -0.38 -9.32
C5 URI KA . 10.97 0.00 -8.30
C6 URI KA . 10.05 0.94 -8.60
O2 URI KA . 10.94 1.79 -12.05
O4 URI KA . 12.82 -1.21 -9.18
C1' URI KA . 8.87 2.65 -10.14
C2' URI KA . 7.48 2.02 -10.14
C3' URI KA . 6.67 2.69 -9.01
C4' URI KA . 7.64 3.73 -8.37
O2' URI KA . 6.86 2.10 -11.43
O3' URI KA . 5.44 3.27 -9.43
O4' URI KA . 8.93 3.63 -9.10
C5' URI KA . 7.95 3.49 -6.88
O5' URI KA . 6.80 3.55 -6.01
C1 MPD LA . 5.88 -5.08 -29.66
C2 MPD LA . 6.06 -4.14 -28.49
O2 MPD LA . 7.46 -4.17 -28.16
CM MPD LA . 5.66 -2.74 -28.82
C3 MPD LA . 5.31 -4.59 -27.19
C4 MPD LA . 3.77 -4.60 -27.20
O4 MPD LA . 3.26 -5.48 -28.16
C5 MPD LA . 3.21 -5.03 -25.86
N1 URI MA . 3.28 3.32 -13.57
C2 URI MA . 3.17 3.25 -15.01
N3 URI MA . 3.41 1.99 -15.55
C4 URI MA . 3.72 0.81 -14.87
C5 URI MA . 3.82 0.91 -13.43
C6 URI MA . 3.60 2.12 -12.85
O2 URI MA . 2.90 4.19 -15.76
O4 URI MA . 3.89 -0.23 -15.55
C1' URI MA . 3.05 4.65 -12.88
C2' URI MA . 2.74 4.67 -11.40
C3' URI MA . 3.87 5.49 -10.72
C4' URI MA . 4.82 5.93 -11.86
O2' URI MA . 1.45 5.24 -11.19
O3' URI MA . 3.42 6.64 -9.99
O4' URI MA . 4.25 5.38 -13.09
C5' URI MA . 6.28 5.41 -11.77
O5' URI MA . 7.04 5.86 -10.61
C1 MPD NA . -10.55 7.66 -26.27
C2 MPD NA . -11.75 8.24 -25.58
O2 MPD NA . -11.41 9.60 -25.29
CM MPD NA . -12.94 8.19 -26.45
C3 MPD NA . -12.04 7.57 -24.20
C4 MPD NA . -13.16 8.18 -23.35
O4 MPD NA . -14.39 8.04 -23.99
C5 MPD NA . -13.29 7.47 -22.04
N1 U5P OA . -2.64 7.70 -11.56
C2 U5P OA . -3.44 8.49 -12.43
N3 U5P OA . -4.22 7.78 -13.31
C4 U5P OA . -4.32 6.39 -13.45
C5 U5P OA . -3.48 5.65 -12.53
C6 U5P OA . -2.71 6.29 -11.65
O2 U5P OA . -3.40 9.70 -12.39
O4 U5P OA . -5.07 5.95 -14.30
C1' U5P OA . -1.76 8.41 -10.58
C2' U5P OA . -2.38 8.70 -9.23
O2' U5P OA . -3.06 9.98 -9.19
C3' U5P OA . -1.21 8.59 -8.21
C4' U5P OA . -0.25 7.61 -8.89
O3' U5P OA . -0.65 9.89 -7.88
O4' U5P OA . -0.52 7.73 -10.34
C5' U5P OA . -0.39 6.12 -8.55
O5' U5P OA . -0.72 5.28 -9.66
P U5P OA . -0.66 3.68 -9.55
O1P U5P OA . 0.66 3.02 -9.20
O2P U5P OA . -1.05 3.08 -10.86
O3P U5P OA . -1.96 3.37 -8.53
C1 MPD PA . -15.45 21.46 -8.42
C2 MPD PA . -16.47 21.16 -7.34
O2 MPD PA . -17.24 20.03 -7.81
CM MPD PA . -15.80 20.80 -6.03
C3 MPD PA . -17.46 22.33 -7.16
C4 MPD PA . -18.79 22.03 -6.45
O4 MPD PA . -18.57 21.66 -5.12
C5 MPD PA . -19.66 23.28 -6.40
#